data_2A58
#
_entry.id   2A58
#
_cell.length_a   111.640
_cell.length_b   145.130
_cell.length_c   129.200
_cell.angle_alpha   90.00
_cell.angle_beta   90.00
_cell.angle_gamma   90.00
#
_symmetry.space_group_name_H-M   'C 2 2 21'
#
loop_
_entity.id
_entity.type
_entity.pdbx_description
1 polymer '6,7-dimethyl-8-ribityllumazine synthase'
2 non-polymer 'PHOSPHATE ION'
3 non-polymer RIBOFLAVIN
4 water water
#
_entity_poly.entity_id   1
_entity_poly.type   'polypeptide(L)'
_entity_poly.pdbx_seq_one_letter_code
;MFSGIKGPNPSDLKGPELRILIVHARYNLQAIEPLVKGAVETMIEKHDVKLENIDIESVPGSWELPQGIRASIARNTYDA
VIGIGVLIKGSTMHFEYISEAVVHGLMRVGLDSGVPVILGLLTVLNEEQALYRAGLNGGHNHGNDWGSAAVEMGLKALY
;
_entity_poly.pdbx_strand_id   A,B,C,D,E
#
loop_
_chem_comp.id
_chem_comp.type
_chem_comp.name
_chem_comp.formula
PO4 non-polymer 'PHOSPHATE ION' 'O4 P -3'
RBF non-polymer RIBOFLAVIN 'C17 H20 N4 O6'
#
# COMPACT_ATOMS: atom_id res chain seq x y z
N LEU A 13 22.05 25.27 -12.44
CA LEU A 13 21.37 24.24 -13.27
C LEU A 13 20.48 24.87 -14.33
N LYS A 14 20.77 24.57 -15.60
CA LYS A 14 20.00 25.11 -16.70
C LYS A 14 19.49 23.96 -17.57
N GLY A 15 18.25 24.07 -18.02
CA GLY A 15 17.67 23.04 -18.86
C GLY A 15 16.93 23.64 -20.04
N PRO A 16 17.66 24.25 -21.00
CA PRO A 16 17.08 24.87 -22.19
C PRO A 16 16.34 23.87 -23.08
N GLU A 17 16.78 22.62 -23.06
CA GLU A 17 16.18 21.57 -23.88
C GLU A 17 15.09 20.76 -23.19
N LEU A 18 14.97 20.91 -21.88
CA LEU A 18 13.99 20.16 -21.11
C LEU A 18 12.55 20.42 -21.47
N ARG A 19 11.77 19.36 -21.56
CA ARG A 19 10.34 19.45 -21.83
C ARG A 19 9.69 19.02 -20.52
N ILE A 20 8.88 19.89 -19.96
CA ILE A 20 8.24 19.61 -18.69
C ILE A 20 6.73 19.67 -18.70
N LEU A 21 6.10 18.73 -17.99
CA LEU A 21 4.64 18.67 -17.90
C LEU A 21 4.13 19.08 -16.52
N ILE A 22 3.04 19.83 -16.50
CA ILE A 22 2.42 20.25 -15.25
C ILE A 22 0.91 19.95 -15.29
N VAL A 23 0.47 19.00 -14.48
CA VAL A 23 -0.95 18.65 -14.40
C VAL A 23 -1.42 19.16 -13.03
N HIS A 24 -2.48 19.95 -13.02
CA HIS A 24 -3.00 20.48 -11.76
C HIS A 24 -4.49 20.30 -11.67
N ALA A 25 -4.98 20.17 -10.44
CA ALA A 25 -6.40 20.00 -10.23
C ALA A 25 -7.03 21.38 -10.26
N ARG A 26 -8.36 21.44 -10.20
CA ARG A 26 -9.04 22.71 -10.23
C ARG A 26 -9.69 23.19 -8.94
N TYR A 27 -9.81 22.34 -7.92
CA TYR A 27 -10.40 22.79 -6.68
C TYR A 27 -9.38 23.68 -5.97
N ASN A 28 -9.86 24.73 -5.33
CA ASN A 28 -8.99 25.65 -4.62
C ASN A 28 -8.07 26.36 -5.61
N LEU A 29 -8.67 26.92 -6.64
CA LEU A 29 -7.90 27.63 -7.65
C LEU A 29 -7.13 28.81 -7.06
N GLN A 30 -7.57 29.28 -5.88
CA GLN A 30 -6.92 30.41 -5.24
C GLN A 30 -5.52 30.07 -4.77
N ALA A 31 -5.34 28.83 -4.34
CA ALA A 31 -4.03 28.39 -3.88
C ALA A 31 -3.25 27.76 -5.03
N ILE A 32 -3.98 27.14 -5.95
CA ILE A 32 -3.37 26.48 -7.09
C ILE A 32 -2.69 27.42 -8.11
N GLU A 33 -3.33 28.52 -8.47
CA GLU A 33 -2.71 29.41 -9.44
C GLU A 33 -1.33 29.89 -8.98
N PRO A 34 -1.24 30.42 -7.76
CA PRO A 34 0.06 30.89 -7.28
C PRO A 34 1.10 29.79 -7.38
N LEU A 35 0.69 28.58 -7.05
CA LEU A 35 1.56 27.40 -7.07
C LEU A 35 2.11 27.15 -8.46
N VAL A 36 1.23 27.09 -9.45
CA VAL A 36 1.64 26.87 -10.84
C VAL A 36 2.53 28.01 -11.30
N LYS A 37 2.11 29.24 -11.04
CA LYS A 37 2.87 30.45 -11.41
C LYS A 37 4.32 30.34 -10.95
N GLY A 38 4.48 30.10 -9.66
CA GLY A 38 5.81 30.00 -9.08
C GLY A 38 6.64 28.93 -9.74
N ALA A 39 6.01 27.81 -10.06
CA ALA A 39 6.72 26.71 -10.71
C ALA A 39 7.24 27.16 -12.08
N VAL A 40 6.33 27.68 -12.90
CA VAL A 40 6.69 28.14 -14.24
C VAL A 40 7.74 29.26 -14.15
N GLU A 41 7.40 30.32 -13.42
CA GLU A 41 8.30 31.46 -13.24
C GLU A 41 9.71 30.99 -12.93
N THR A 42 9.84 30.18 -11.88
CA THR A 42 11.13 29.68 -11.46
C THR A 42 11.90 28.93 -12.54
N MET A 43 11.22 28.05 -13.29
CA MET A 43 11.89 27.30 -14.35
C MET A 43 12.42 28.20 -15.46
N ILE A 44 11.57 29.11 -15.93
CA ILE A 44 11.93 30.05 -16.99
C ILE A 44 13.09 30.94 -16.55
N GLU A 45 12.84 31.74 -15.53
CA GLU A 45 13.79 32.72 -15.01
C GLU A 45 15.05 32.24 -14.29
N LYS A 46 15.07 31.01 -13.79
CA LYS A 46 16.24 30.54 -13.06
C LYS A 46 16.95 29.35 -13.69
N HIS A 47 16.24 28.58 -14.51
CA HIS A 47 16.84 27.42 -15.12
C HIS A 47 16.80 27.42 -16.64
N ASP A 48 16.43 28.57 -17.20
CA ASP A 48 16.38 28.73 -18.65
C ASP A 48 15.49 27.72 -19.37
N VAL A 49 14.36 27.39 -18.78
CA VAL A 49 13.44 26.46 -19.44
C VAL A 49 12.65 27.33 -20.40
N LYS A 50 12.40 26.82 -21.60
CA LYS A 50 11.65 27.58 -22.59
C LYS A 50 10.15 27.42 -22.41
N LEU A 51 9.47 28.55 -22.35
CA LEU A 51 8.02 28.56 -22.18
C LEU A 51 7.28 27.59 -23.11
N GLU A 52 7.72 27.47 -24.36
CA GLU A 52 7.06 26.57 -25.31
C GLU A 52 7.24 25.12 -24.91
N ASN A 53 8.26 24.85 -24.11
CA ASN A 53 8.58 23.51 -23.65
C ASN A 53 7.90 23.12 -22.34
N ILE A 54 6.82 23.80 -22.01
CA ILE A 54 6.09 23.54 -20.78
C ILE A 54 4.61 23.37 -21.06
N ASP A 55 4.13 22.14 -20.96
CA ASP A 55 2.70 21.86 -21.18
C ASP A 55 1.97 21.93 -19.85
N ILE A 56 0.77 22.50 -19.88
CA ILE A 56 0.00 22.62 -18.65
C ILE A 56 -1.42 22.09 -18.85
N GLU A 57 -1.65 20.88 -18.35
CA GLU A 57 -2.95 20.25 -18.45
C GLU A 57 -3.64 20.45 -17.11
N SER A 58 -4.90 20.05 -17.02
CA SER A 58 -5.63 20.17 -15.77
C SER A 58 -6.68 19.05 -15.69
N VAL A 59 -7.09 18.74 -14.47
CA VAL A 59 -8.09 17.71 -14.23
C VAL A 59 -9.04 18.28 -13.20
N PRO A 60 -10.23 17.68 -13.05
CA PRO A 60 -11.21 18.16 -12.09
C PRO A 60 -10.65 18.29 -10.69
N GLY A 61 -10.15 17.18 -10.14
CA GLY A 61 -9.59 17.20 -8.81
C GLY A 61 -8.37 16.32 -8.60
N SER A 62 -7.85 16.33 -7.39
CA SER A 62 -6.65 15.58 -7.02
C SER A 62 -6.72 14.08 -7.31
N TRP A 63 -7.91 13.50 -7.20
CA TRP A 63 -8.01 12.07 -7.48
C TRP A 63 -7.59 11.73 -8.91
N GLU A 64 -7.88 12.62 -9.85
CA GLU A 64 -7.51 12.39 -11.25
C GLU A 64 -6.06 12.73 -11.60
N LEU A 65 -5.32 13.24 -10.62
CA LEU A 65 -3.93 13.59 -10.85
C LEU A 65 -3.08 12.42 -11.38
N PRO A 66 -3.10 11.25 -10.69
CA PRO A 66 -2.30 10.13 -11.19
C PRO A 66 -2.64 9.69 -12.61
N GLN A 67 -3.93 9.52 -12.91
CA GLN A 67 -4.33 9.11 -14.26
C GLN A 67 -4.11 10.20 -15.30
N GLY A 68 -4.35 11.45 -14.91
CA GLY A 68 -4.13 12.53 -15.84
C GLY A 68 -2.70 12.52 -16.31
N ILE A 69 -1.77 12.31 -15.37
CA ILE A 69 -0.36 12.28 -15.67
C ILE A 69 0.00 11.06 -16.53
N ARG A 70 -0.48 9.89 -16.12
CA ARG A 70 -0.20 8.64 -16.84
C ARG A 70 -0.64 8.71 -18.31
N ALA A 71 -1.79 9.33 -18.55
CA ALA A 71 -2.30 9.48 -19.91
C ALA A 71 -1.35 10.34 -20.74
N SER A 72 -1.02 11.52 -20.24
CA SER A 72 -0.13 12.44 -20.93
C SER A 72 1.24 11.84 -21.19
N ILE A 73 1.80 11.13 -20.21
CA ILE A 73 3.11 10.49 -20.34
C ILE A 73 3.11 9.51 -21.51
N ALA A 74 1.95 8.92 -21.79
CA ALA A 74 1.81 7.96 -22.88
C ALA A 74 1.77 8.67 -24.24
N ARG A 75 1.16 9.85 -24.28
CA ARG A 75 1.09 10.64 -25.51
C ARG A 75 2.48 11.18 -25.88
N ASN A 76 2.84 12.30 -25.28
CA ASN A 76 4.12 12.94 -25.56
C ASN A 76 5.24 12.50 -24.64
N THR A 77 6.42 13.07 -24.84
CA THR A 77 7.60 12.73 -24.04
C THR A 77 8.04 13.93 -23.22
N TYR A 78 8.23 13.69 -21.93
CA TYR A 78 8.65 14.76 -21.03
C TYR A 78 9.84 14.28 -20.21
N ASP A 79 10.62 15.23 -19.70
CA ASP A 79 11.78 14.89 -18.88
C ASP A 79 11.39 14.87 -17.42
N ALA A 80 10.33 15.58 -17.08
CA ALA A 80 9.85 15.63 -15.72
C ALA A 80 8.41 16.12 -15.73
N VAL A 81 7.68 15.80 -14.67
CA VAL A 81 6.30 16.23 -14.56
C VAL A 81 6.03 16.64 -13.12
N ILE A 82 5.15 17.63 -12.94
CA ILE A 82 4.78 18.10 -11.61
C ILE A 82 3.28 17.93 -11.40
N GLY A 83 2.91 17.23 -10.33
CA GLY A 83 1.51 17.02 -10.01
C GLY A 83 1.13 18.03 -8.96
N ILE A 84 0.21 18.92 -9.26
CA ILE A 84 -0.20 19.94 -8.30
C ILE A 84 -1.67 19.86 -7.92
N GLY A 85 -1.93 19.94 -6.62
CA GLY A 85 -3.29 19.88 -6.14
C GLY A 85 -3.31 20.17 -4.66
N VAL A 86 -4.46 20.55 -4.11
CA VAL A 86 -4.52 20.81 -2.69
C VAL A 86 -5.75 20.13 -2.08
N LEU A 87 -5.50 19.36 -1.02
CA LEU A 87 -6.54 18.64 -0.31
C LEU A 87 -6.67 19.27 1.07
N ILE A 88 -7.91 19.54 1.48
CA ILE A 88 -8.17 20.16 2.76
C ILE A 88 -9.03 19.26 3.64
N LYS A 89 -8.61 19.06 4.88
CA LYS A 89 -9.35 18.21 5.81
C LYS A 89 -10.81 18.68 5.91
N GLY A 90 -11.75 17.75 5.78
CA GLY A 90 -13.16 18.10 5.87
C GLY A 90 -13.82 17.41 7.05
N SER A 91 -15.14 17.26 7.01
CA SER A 91 -15.85 16.61 8.10
C SER A 91 -15.78 15.11 8.12
N THR A 92 -15.56 14.50 6.96
CA THR A 92 -15.50 13.04 6.88
C THR A 92 -14.06 12.55 6.81
N MET A 93 -13.89 11.25 6.61
CA MET A 93 -12.56 10.62 6.51
C MET A 93 -12.04 10.70 5.09
N HIS A 94 -12.83 11.30 4.20
CA HIS A 94 -12.46 11.42 2.80
C HIS A 94 -11.04 11.93 2.60
N PHE A 95 -10.72 13.05 3.25
CA PHE A 95 -9.40 13.66 3.18
C PHE A 95 -8.28 12.64 3.39
N GLU A 96 -8.37 11.88 4.48
CA GLU A 96 -7.36 10.90 4.81
C GLU A 96 -7.13 9.82 3.76
N TYR A 97 -8.19 9.18 3.29
CA TYR A 97 -8.05 8.12 2.30
C TYR A 97 -7.62 8.58 0.91
N ILE A 98 -8.14 9.70 0.44
CA ILE A 98 -7.77 10.21 -0.87
C ILE A 98 -6.31 10.65 -0.87
N SER A 99 -5.90 11.35 0.19
CA SER A 99 -4.54 11.84 0.32
C SER A 99 -3.55 10.71 0.18
N GLU A 100 -3.78 9.64 0.93
CA GLU A 100 -2.93 8.47 0.91
C GLU A 100 -2.88 7.82 -0.48
N ALA A 101 -4.06 7.63 -1.08
CA ALA A 101 -4.14 7.01 -2.41
C ALA A 101 -3.47 7.83 -3.51
N VAL A 102 -3.71 9.14 -3.51
CA VAL A 102 -3.12 10.00 -4.52
C VAL A 102 -1.61 10.07 -4.40
N VAL A 103 -1.10 10.22 -3.18
CA VAL A 103 0.34 10.29 -2.97
C VAL A 103 0.99 8.99 -3.42
N HIS A 104 0.39 7.87 -3.00
CA HIS A 104 0.92 6.56 -3.38
C HIS A 104 0.87 6.37 -4.90
N GLY A 105 -0.19 6.91 -5.52
CA GLY A 105 -0.37 6.80 -6.96
C GLY A 105 0.59 7.60 -7.81
N LEU A 106 0.95 8.80 -7.36
CA LEU A 106 1.89 9.63 -8.11
C LEU A 106 3.26 8.95 -8.04
N MET A 107 3.55 8.38 -6.88
CA MET A 107 4.81 7.68 -6.66
C MET A 107 4.86 6.50 -7.62
N ARG A 108 3.73 5.81 -7.76
CA ARG A 108 3.69 4.66 -8.66
C ARG A 108 3.89 5.03 -10.13
N VAL A 109 3.15 6.03 -10.59
CA VAL A 109 3.26 6.45 -11.98
C VAL A 109 4.70 6.80 -12.31
N GLY A 110 5.37 7.49 -11.40
CA GLY A 110 6.76 7.85 -11.61
C GLY A 110 7.67 6.65 -11.75
N LEU A 111 7.59 5.70 -10.81
CA LEU A 111 8.42 4.49 -10.81
C LEU A 111 8.10 3.55 -11.97
N ASP A 112 6.84 3.51 -12.38
CA ASP A 112 6.42 2.65 -13.48
C ASP A 112 6.96 3.16 -14.81
N SER A 113 6.87 4.46 -15.02
CA SER A 113 7.29 5.08 -16.26
C SER A 113 8.76 5.41 -16.39
N GLY A 114 9.42 5.63 -15.26
CA GLY A 114 10.82 6.00 -15.30
C GLY A 114 10.94 7.50 -15.46
N VAL A 115 9.80 8.19 -15.53
CA VAL A 115 9.76 9.64 -15.66
C VAL A 115 9.63 10.26 -14.26
N PRO A 116 10.49 11.22 -13.91
CA PRO A 116 10.41 11.85 -12.60
C PRO A 116 9.11 12.62 -12.39
N VAL A 117 8.42 12.31 -11.29
CA VAL A 117 7.17 12.99 -10.96
C VAL A 117 7.38 13.73 -9.65
N ILE A 118 7.32 15.06 -9.71
CA ILE A 118 7.48 15.86 -8.50
C ILE A 118 6.14 16.06 -7.80
N LEU A 119 6.12 15.80 -6.50
CA LEU A 119 4.90 15.94 -5.71
C LEU A 119 4.60 17.39 -5.35
N GLY A 120 3.52 17.92 -5.93
CA GLY A 120 3.11 19.29 -5.65
C GLY A 120 1.72 19.24 -5.03
N LEU A 121 1.51 18.24 -4.19
CA LEU A 121 0.24 18.04 -3.49
C LEU A 121 0.29 18.61 -2.07
N LEU A 122 -0.62 19.51 -1.74
CA LEU A 122 -0.66 20.06 -0.39
C LEU A 122 -1.79 19.35 0.33
N THR A 123 -1.49 18.83 1.52
CA THR A 123 -2.48 18.11 2.32
C THR A 123 -2.56 18.87 3.64
N VAL A 124 -3.44 19.87 3.66
CA VAL A 124 -3.58 20.74 4.81
C VAL A 124 -4.86 20.61 5.66
N LEU A 125 -4.85 21.27 6.82
CA LEU A 125 -5.99 21.26 7.74
C LEU A 125 -7.01 22.32 7.38
N ASN A 126 -6.54 23.41 6.79
CA ASN A 126 -7.43 24.49 6.40
C ASN A 126 -6.86 25.34 5.26
N GLU A 127 -7.73 26.13 4.64
CA GLU A 127 -7.37 27.01 3.53
C GLU A 127 -6.17 27.90 3.81
N GLU A 128 -6.09 28.43 5.03
CA GLU A 128 -4.98 29.31 5.38
C GLU A 128 -3.63 28.62 5.18
N GLN A 129 -3.50 27.39 5.66
CA GLN A 129 -2.25 26.65 5.53
C GLN A 129 -1.84 26.48 4.07
N ALA A 130 -2.82 26.36 3.19
CA ALA A 130 -2.57 26.18 1.77
C ALA A 130 -2.06 27.48 1.15
N LEU A 131 -2.78 28.57 1.40
CA LEU A 131 -2.39 29.86 0.86
C LEU A 131 -0.99 30.23 1.34
N TYR A 132 -0.70 29.93 2.60
CA TYR A 132 0.60 30.24 3.18
C TYR A 132 1.72 29.56 2.41
N ARG A 133 1.48 28.33 1.99
CA ARG A 133 2.47 27.57 1.26
C ARG A 133 2.47 27.90 -0.24
N ALA A 134 1.56 28.79 -0.64
CA ALA A 134 1.47 29.21 -2.01
C ALA A 134 2.12 30.59 -2.12
N GLY A 135 2.79 31.02 -1.04
CA GLY A 135 3.46 32.30 -1.05
C GLY A 135 2.71 33.50 -0.50
N LEU A 136 1.40 33.35 -0.25
CA LEU A 136 0.59 34.45 0.30
C LEU A 136 0.75 34.61 1.80
N ASN A 137 0.25 35.73 2.33
CA ASN A 137 0.30 36.07 3.75
C ASN A 137 1.63 35.84 4.44
N GLY A 138 2.72 36.19 3.76
CA GLY A 138 4.04 36.03 4.34
C GLY A 138 4.69 34.66 4.21
N GLY A 139 4.02 33.75 3.51
CA GLY A 139 4.57 32.42 3.34
C GLY A 139 5.47 32.29 2.13
N HIS A 140 6.13 31.15 2.03
CA HIS A 140 7.04 30.85 0.92
C HIS A 140 6.31 30.01 -0.15
N ASN A 141 6.42 30.41 -1.41
CA ASN A 141 5.76 29.66 -2.49
C ASN A 141 6.51 28.36 -2.75
N HIS A 142 5.86 27.23 -2.49
CA HIS A 142 6.48 25.93 -2.71
C HIS A 142 6.53 25.53 -4.18
N GLY A 143 5.82 26.28 -5.02
CA GLY A 143 5.82 25.98 -6.43
C GLY A 143 7.20 26.21 -6.99
N ASN A 144 7.91 27.19 -6.41
CA ASN A 144 9.26 27.51 -6.85
C ASN A 144 10.14 26.30 -6.61
N ASP A 145 10.05 25.74 -5.43
CA ASP A 145 10.85 24.57 -5.09
C ASP A 145 10.57 23.42 -6.03
N TRP A 146 9.30 23.19 -6.35
CA TRP A 146 8.92 22.09 -7.24
C TRP A 146 9.45 22.33 -8.64
N GLY A 147 9.52 23.60 -9.03
CA GLY A 147 10.04 23.93 -10.35
C GLY A 147 11.51 23.55 -10.47
N SER A 148 12.29 23.90 -9.45
CA SER A 148 13.71 23.59 -9.45
C SER A 148 13.93 22.09 -9.34
N ALA A 149 13.06 21.41 -8.62
CA ALA A 149 13.19 19.96 -8.45
C ALA A 149 12.94 19.26 -9.79
N ALA A 150 11.96 19.76 -10.53
CA ALA A 150 11.64 19.19 -11.83
C ALA A 150 12.86 19.31 -12.74
N VAL A 151 13.40 20.51 -12.85
CA VAL A 151 14.56 20.74 -13.69
C VAL A 151 15.71 19.82 -13.31
N GLU A 152 16.03 19.77 -12.02
CA GLU A 152 17.12 18.94 -11.58
C GLU A 152 16.92 17.46 -11.87
N MET A 153 15.73 16.94 -11.59
CA MET A 153 15.49 15.52 -11.83
C MET A 153 15.48 15.25 -13.30
N GLY A 154 15.06 16.23 -14.09
CA GLY A 154 15.02 16.07 -15.53
C GLY A 154 16.41 15.86 -16.10
N LEU A 155 17.34 16.71 -15.66
CA LEU A 155 18.73 16.62 -16.12
C LEU A 155 19.40 15.33 -15.68
N LYS A 156 19.27 14.98 -14.41
CA LYS A 156 19.88 13.75 -13.90
C LYS A 156 19.36 12.51 -14.62
N ALA A 157 18.20 12.62 -15.27
CA ALA A 157 17.62 11.50 -15.98
C ALA A 157 18.23 11.34 -17.38
N LEU A 158 19.09 12.27 -17.75
CA LEU A 158 19.75 12.26 -19.06
C LEU A 158 21.25 11.98 -18.89
N LEU B 13 33.53 -8.86 8.43
CA LEU B 13 33.00 -8.72 7.04
C LEU B 13 33.75 -7.69 6.21
N LYS B 14 34.35 -8.13 5.11
CA LYS B 14 35.11 -7.24 4.25
C LYS B 14 34.57 -7.31 2.83
N GLY B 15 34.45 -6.17 2.17
CA GLY B 15 33.95 -6.14 0.82
C GLY B 15 34.80 -5.27 -0.07
N PRO B 16 36.05 -5.68 -0.36
CA PRO B 16 36.98 -4.92 -1.19
C PRO B 16 36.48 -4.72 -2.62
N GLU B 17 35.70 -5.68 -3.10
CA GLU B 17 35.16 -5.63 -4.46
C GLU B 17 33.77 -5.00 -4.58
N LEU B 18 33.11 -4.78 -3.45
CA LEU B 18 31.77 -4.20 -3.46
C LEU B 18 31.67 -2.80 -4.02
N ARG B 19 30.65 -2.58 -4.84
CA ARG B 19 30.38 -1.27 -5.41
C ARG B 19 29.09 -0.84 -4.73
N ILE B 20 29.14 0.31 -4.04
CA ILE B 20 28.01 0.80 -3.30
C ILE B 20 27.53 2.18 -3.70
N LEU B 21 26.21 2.34 -3.75
CA LEU B 21 25.59 3.61 -4.11
C LEU B 21 24.92 4.30 -2.91
N ILE B 22 25.10 5.62 -2.82
CA ILE B 22 24.50 6.41 -1.76
C ILE B 22 23.77 7.63 -2.35
N VAL B 23 22.45 7.62 -2.28
CA VAL B 23 21.65 8.74 -2.77
C VAL B 23 21.09 9.42 -1.52
N HIS B 24 21.31 10.73 -1.41
CA HIS B 24 20.82 11.46 -0.25
C HIS B 24 20.10 12.73 -0.66
N ALA B 25 19.13 13.15 0.15
CA ALA B 25 18.38 14.35 -0.15
C ALA B 25 19.21 15.52 0.34
N ARG B 26 18.74 16.74 0.06
CA ARG B 26 19.48 17.92 0.47
C ARG B 26 18.89 18.75 1.59
N TYR B 27 17.64 18.51 1.97
CA TYR B 27 17.06 19.27 3.06
C TYR B 27 17.68 18.77 4.36
N ASN B 28 17.93 19.69 5.29
CA ASN B 28 18.53 19.34 6.56
C ASN B 28 19.94 18.80 6.35
N LEU B 29 20.74 19.56 5.61
CA LEU B 29 22.10 19.16 5.34
C LEU B 29 22.91 19.03 6.62
N GLN B 30 22.45 19.64 7.71
CA GLN B 30 23.16 19.58 8.97
C GLN B 30 23.14 18.21 9.57
N ALA B 31 22.04 17.50 9.35
CA ALA B 31 21.90 16.15 9.88
C ALA B 31 22.35 15.14 8.83
N ILE B 32 22.16 15.48 7.57
CA ILE B 32 22.52 14.61 6.46
C ILE B 32 24.02 14.38 6.27
N GLU B 33 24.83 15.43 6.34
CA GLU B 33 26.27 15.24 6.17
C GLU B 33 26.85 14.24 7.15
N PRO B 34 26.59 14.42 8.46
CA PRO B 34 27.13 13.48 9.44
C PRO B 34 26.72 12.05 9.11
N LEU B 35 25.48 11.90 8.64
CA LEU B 35 24.93 10.61 8.30
C LEU B 35 25.71 9.95 7.16
N VAL B 36 25.93 10.70 6.08
CA VAL B 36 26.68 10.19 4.95
C VAL B 36 28.12 9.87 5.36
N LYS B 37 28.75 10.80 6.08
CA LYS B 37 30.11 10.64 6.57
C LYS B 37 30.27 9.32 7.28
N GLY B 38 29.45 9.10 8.31
CA GLY B 38 29.51 7.89 9.08
C GLY B 38 29.38 6.64 8.24
N ALA B 39 28.50 6.70 7.25
CA ALA B 39 28.28 5.56 6.37
C ALA B 39 29.56 5.25 5.59
N VAL B 40 30.11 6.28 4.94
CA VAL B 40 31.32 6.12 4.16
C VAL B 40 32.48 5.68 5.07
N GLU B 41 32.76 6.48 6.09
CA GLU B 41 33.81 6.17 7.04
C GLU B 41 33.76 4.70 7.46
N THR B 42 32.61 4.27 7.93
CA THR B 42 32.46 2.89 8.39
C THR B 42 32.79 1.84 7.35
N MET B 43 32.33 2.05 6.12
CA MET B 43 32.57 1.08 5.06
C MET B 43 34.06 0.97 4.72
N ILE B 44 34.69 2.12 4.54
CA ILE B 44 36.12 2.18 4.24
C ILE B 44 36.96 1.55 5.36
N GLU B 45 36.90 2.17 6.54
CA GLU B 45 37.66 1.75 7.71
C GLU B 45 37.33 0.44 8.41
N LYS B 46 36.14 -0.11 8.21
CA LYS B 46 35.80 -1.36 8.91
C LYS B 46 35.52 -2.53 8.01
N HIS B 47 35.14 -2.26 6.76
CA HIS B 47 34.82 -3.33 5.84
C HIS B 47 35.67 -3.34 4.57
N ASP B 48 36.72 -2.52 4.57
CA ASP B 48 37.64 -2.46 3.44
C ASP B 48 36.99 -2.13 2.11
N VAL B 49 36.00 -1.24 2.13
CA VAL B 49 35.36 -0.86 0.88
C VAL B 49 36.28 0.21 0.28
N LYS B 50 36.49 0.16 -1.03
CA LYS B 50 37.35 1.14 -1.67
C LYS B 50 36.61 2.42 -2.01
N LEU B 51 37.19 3.54 -1.61
CA LEU B 51 36.60 4.85 -1.85
C LEU B 51 36.13 5.05 -3.30
N GLU B 52 36.90 4.55 -4.27
CA GLU B 52 36.52 4.72 -5.68
C GLU B 52 35.27 3.93 -6.02
N ASN B 53 34.99 2.92 -5.21
CA ASN B 53 33.83 2.06 -5.40
C ASN B 53 32.57 2.52 -4.70
N ILE B 54 32.51 3.81 -4.37
CA ILE B 54 31.37 4.40 -3.68
C ILE B 54 30.88 5.63 -4.42
N ASP B 55 29.72 5.53 -5.07
CA ASP B 55 29.14 6.67 -5.78
C ASP B 55 28.19 7.41 -4.84
N ILE B 56 28.21 8.73 -4.91
CA ILE B 56 27.34 9.51 -4.06
C ILE B 56 26.56 10.53 -4.87
N GLU B 57 25.30 10.23 -5.13
CA GLU B 57 24.42 11.13 -5.88
C GLU B 57 23.57 11.86 -4.85
N SER B 58 22.79 12.83 -5.31
CA SER B 58 21.91 13.57 -4.43
C SER B 58 20.68 14.02 -5.21
N VAL B 59 19.59 14.27 -4.47
CA VAL B 59 18.35 14.72 -5.06
C VAL B 59 17.85 15.86 -4.18
N PRO B 60 16.92 16.67 -4.70
CA PRO B 60 16.39 17.79 -3.92
C PRO B 60 15.87 17.37 -2.54
N GLY B 61 14.90 16.46 -2.51
CA GLY B 61 14.35 16.02 -1.23
C GLY B 61 14.03 14.54 -1.17
N SER B 62 13.53 14.11 -0.02
CA SER B 62 13.18 12.70 0.24
C SER B 62 12.20 12.11 -0.75
N TRP B 63 11.30 12.91 -1.29
CA TRP B 63 10.34 12.38 -2.26
C TRP B 63 11.05 11.79 -3.48
N GLU B 64 12.14 12.41 -3.91
CA GLU B 64 12.89 11.94 -5.07
C GLU B 64 13.82 10.78 -4.79
N LEU B 65 13.92 10.38 -3.53
CA LEU B 65 14.80 9.27 -3.16
C LEU B 65 14.52 7.98 -3.96
N PRO B 66 13.27 7.49 -3.96
CA PRO B 66 12.99 6.27 -4.72
C PRO B 66 13.34 6.34 -6.20
N GLN B 67 12.95 7.41 -6.87
CA GLN B 67 13.24 7.54 -8.30
C GLN B 67 14.72 7.78 -8.56
N GLY B 68 15.35 8.59 -7.71
CA GLY B 68 16.76 8.83 -7.88
C GLY B 68 17.53 7.51 -7.86
N ILE B 69 17.17 6.63 -6.93
CA ILE B 69 17.81 5.33 -6.82
C ILE B 69 17.49 4.45 -8.02
N ARG B 70 16.22 4.38 -8.39
CA ARG B 70 15.80 3.56 -9.52
C ARG B 70 16.53 3.93 -10.82
N ALA B 71 16.71 5.22 -11.04
CA ALA B 71 17.41 5.69 -12.23
C ALA B 71 18.86 5.20 -12.23
N SER B 72 19.56 5.45 -11.12
CA SER B 72 20.95 5.04 -10.99
C SER B 72 21.14 3.53 -11.13
N ILE B 73 20.25 2.75 -10.52
CA ILE B 73 20.31 1.30 -10.60
C ILE B 73 20.23 0.84 -12.05
N ALA B 74 19.54 1.60 -12.88
CA ALA B 74 19.40 1.27 -14.30
C ALA B 74 20.69 1.57 -15.07
N ARG B 75 21.39 2.63 -14.69
CA ARG B 75 22.64 3.01 -15.35
C ARG B 75 23.73 2.00 -14.99
N ASN B 76 24.37 2.19 -13.85
CA ASN B 76 25.45 1.30 -13.41
C ASN B 76 24.99 0.12 -12.58
N THR B 77 25.95 -0.67 -12.12
CA THR B 77 25.66 -1.84 -11.31
C THR B 77 26.24 -1.67 -9.92
N TYR B 78 25.41 -1.92 -8.91
CA TYR B 78 25.84 -1.79 -7.53
C TYR B 78 25.44 -3.05 -6.76
N ASP B 79 26.13 -3.30 -5.66
CA ASP B 79 25.82 -4.46 -4.85
C ASP B 79 24.83 -4.10 -3.76
N ALA B 80 24.82 -2.81 -3.42
CA ALA B 80 23.92 -2.31 -2.40
C ALA B 80 23.77 -0.80 -2.56
N VAL B 81 22.69 -0.27 -2.02
CA VAL B 81 22.45 1.16 -2.11
C VAL B 81 21.85 1.64 -0.80
N ILE B 82 22.18 2.87 -0.42
CA ILE B 82 21.67 3.45 0.81
C ILE B 82 20.89 4.72 0.50
N GLY B 83 19.64 4.76 0.94
CA GLY B 83 18.82 5.94 0.70
C GLY B 83 18.85 6.76 1.98
N ILE B 84 19.35 7.98 1.91
CA ILE B 84 19.42 8.82 3.10
C ILE B 84 18.63 10.13 2.97
N GLY B 85 17.87 10.42 4.00
CA GLY B 85 17.09 11.64 4.02
C GLY B 85 16.45 11.83 5.39
N VAL B 86 16.04 13.05 5.69
CA VAL B 86 15.39 13.27 6.98
C VAL B 86 14.10 14.07 6.80
N LEU B 87 13.03 13.54 7.35
CA LEU B 87 11.73 14.18 7.31
C LEU B 87 11.38 14.62 8.73
N ILE B 88 10.92 15.86 8.85
CA ILE B 88 10.55 16.42 10.16
C ILE B 88 9.08 16.79 10.19
N LYS B 89 8.36 16.37 11.23
CA LYS B 89 6.94 16.68 11.36
C LYS B 89 6.72 18.20 11.29
N GLY B 90 5.77 18.61 10.46
CA GLY B 90 5.47 20.03 10.32
C GLY B 90 4.06 20.35 10.77
N SER B 91 3.53 21.47 10.32
CA SER B 91 2.18 21.87 10.72
C SER B 91 1.07 21.10 10.01
N THR B 92 1.34 20.64 8.79
CA THR B 92 0.32 19.93 8.03
C THR B 92 0.48 18.41 8.11
N MET B 93 -0.30 17.68 7.33
CA MET B 93 -0.25 16.22 7.30
C MET B 93 0.80 15.74 6.30
N HIS B 94 1.45 16.68 5.65
CA HIS B 94 2.48 16.36 4.68
C HIS B 94 3.47 15.31 5.17
N PHE B 95 4.03 15.54 6.35
CA PHE B 95 5.00 14.65 6.94
C PHE B 95 4.51 13.20 6.91
N GLU B 96 3.32 12.97 7.42
CA GLU B 96 2.75 11.63 7.47
C GLU B 96 2.61 10.92 6.13
N TYR B 97 2.03 11.58 5.14
CA TYR B 97 1.84 10.93 3.85
C TYR B 97 3.14 10.71 3.05
N ILE B 98 4.05 11.66 3.08
CA ILE B 98 5.31 11.52 2.36
C ILE B 98 6.15 10.42 2.97
N SER B 99 6.20 10.38 4.30
CA SER B 99 6.99 9.38 5.01
C SER B 99 6.56 8.00 4.58
N GLU B 100 5.26 7.76 4.63
CA GLU B 100 4.71 6.47 4.27
C GLU B 100 5.00 6.10 2.82
N ALA B 101 4.81 7.05 1.90
CA ALA B 101 5.05 6.78 0.48
C ALA B 101 6.52 6.51 0.19
N VAL B 102 7.41 7.32 0.75
CA VAL B 102 8.83 7.16 0.51
C VAL B 102 9.36 5.83 1.05
N VAL B 103 8.95 5.49 2.27
CA VAL B 103 9.41 4.23 2.86
C VAL B 103 8.91 3.05 2.03
N HIS B 104 7.64 3.10 1.63
CA HIS B 104 7.04 2.04 0.83
C HIS B 104 7.74 1.95 -0.53
N GLY B 105 8.11 3.11 -1.06
CA GLY B 105 8.78 3.19 -2.35
C GLY B 105 10.20 2.65 -2.39
N LEU B 106 10.97 2.87 -1.32
CA LEU B 106 12.34 2.38 -1.26
C LEU B 106 12.27 0.87 -1.17
N MET B 107 11.31 0.38 -0.40
CA MET B 107 11.10 -1.04 -0.23
C MET B 107 10.78 -1.64 -1.61
N ARG B 108 9.95 -0.95 -2.38
CA ARG B 108 9.58 -1.46 -3.69
C ARG B 108 10.75 -1.51 -4.65
N VAL B 109 11.49 -0.41 -4.74
CA VAL B 109 12.62 -0.37 -5.65
C VAL B 109 13.58 -1.52 -5.36
N GLY B 110 13.81 -1.79 -4.08
CA GLY B 110 14.68 -2.88 -3.70
C GLY B 110 14.18 -4.23 -4.16
N LEU B 111 12.93 -4.54 -3.87
CA LEU B 111 12.33 -5.83 -4.26
C LEU B 111 12.18 -5.99 -5.76
N ASP B 112 11.93 -4.89 -6.46
CA ASP B 112 11.75 -4.94 -7.92
C ASP B 112 13.07 -5.24 -8.61
N SER B 113 14.13 -4.59 -8.16
CA SER B 113 15.45 -4.72 -8.76
C SER B 113 16.28 -5.90 -8.30
N GLY B 114 16.04 -6.36 -7.08
CA GLY B 114 16.84 -7.46 -6.56
C GLY B 114 18.09 -6.89 -5.90
N VAL B 115 18.24 -5.57 -5.95
CA VAL B 115 19.38 -4.89 -5.35
C VAL B 115 19.01 -4.44 -3.93
N PRO B 116 19.82 -4.79 -2.92
CA PRO B 116 19.52 -4.40 -1.53
C PRO B 116 19.52 -2.90 -1.32
N VAL B 117 18.43 -2.39 -0.77
CA VAL B 117 18.31 -0.96 -0.50
C VAL B 117 18.22 -0.77 1.01
N ILE B 118 19.20 -0.12 1.60
CA ILE B 118 19.19 0.12 3.03
C ILE B 118 18.48 1.44 3.34
N LEU B 119 17.54 1.38 4.29
CA LEU B 119 16.77 2.55 4.68
C LEU B 119 17.53 3.49 5.61
N GLY B 120 17.89 4.66 5.08
CA GLY B 120 18.60 5.65 5.87
C GLY B 120 17.74 6.91 5.98
N LEU B 121 16.43 6.69 6.12
CA LEU B 121 15.45 7.75 6.24
C LEU B 121 15.10 8.00 7.69
N LEU B 122 15.24 9.24 8.17
CA LEU B 122 14.87 9.53 9.54
C LEU B 122 13.53 10.26 9.48
N THR B 123 12.58 9.79 10.27
CA THR B 123 11.24 10.39 10.33
C THR B 123 11.06 10.84 11.77
N VAL B 124 11.46 12.07 12.04
CA VAL B 124 11.43 12.62 13.39
C VAL B 124 10.39 13.73 13.67
N LEU B 125 10.22 14.05 14.95
CA LEU B 125 9.30 15.09 15.38
C LEU B 125 9.95 16.46 15.33
N ASN B 126 11.27 16.51 15.53
CA ASN B 126 11.98 17.78 15.50
C ASN B 126 13.46 17.61 15.14
N GLU B 127 14.08 18.73 14.79
CA GLU B 127 15.50 18.75 14.40
C GLU B 127 16.42 18.07 15.39
N GLU B 128 16.15 18.26 16.68
CA GLU B 128 17.00 17.68 17.70
C GLU B 128 17.08 16.17 17.56
N GLN B 129 15.93 15.53 17.39
CA GLN B 129 15.90 14.08 17.26
C GLN B 129 16.75 13.58 16.09
N ALA B 130 16.81 14.38 15.02
CA ALA B 130 17.57 14.03 13.84
C ALA B 130 19.06 14.13 14.12
N LEU B 131 19.48 15.27 14.66
CA LEU B 131 20.89 15.48 14.97
C LEU B 131 21.39 14.41 15.93
N TYR B 132 20.55 14.05 16.90
CA TYR B 132 20.91 13.03 17.88
C TYR B 132 21.23 11.70 17.21
N ARG B 133 20.45 11.37 16.19
CA ARG B 133 20.67 10.12 15.48
C ARG B 133 21.74 10.21 14.40
N ALA B 134 22.31 11.41 14.28
CA ALA B 134 23.38 11.66 13.32
C ALA B 134 24.70 11.67 14.10
N GLY B 135 24.65 11.29 15.39
CA GLY B 135 25.85 11.26 16.19
C GLY B 135 26.16 12.48 17.05
N LEU B 136 25.46 13.60 16.82
CA LEU B 136 25.68 14.82 17.59
C LEU B 136 25.00 14.80 18.95
N ASN B 137 25.36 15.76 19.80
CA ASN B 137 24.84 15.92 21.15
C ASN B 137 24.74 14.63 21.97
N GLY B 138 25.77 13.80 21.89
CA GLY B 138 25.78 12.56 22.67
C GLY B 138 25.03 11.39 22.06
N GLY B 139 24.54 11.53 20.83
CA GLY B 139 23.82 10.44 20.20
C GLY B 139 24.73 9.54 19.38
N HIS B 140 24.17 8.44 18.90
CA HIS B 140 24.91 7.48 18.08
C HIS B 140 24.63 7.73 16.60
N ASN B 141 25.67 7.77 15.78
CA ASN B 141 25.49 8.00 14.35
C ASN B 141 24.93 6.74 13.68
N HIS B 142 23.71 6.83 13.16
CA HIS B 142 23.09 5.68 12.51
C HIS B 142 23.65 5.41 11.12
N GLY B 143 24.41 6.37 10.60
CA GLY B 143 25.00 6.18 9.29
C GLY B 143 25.96 5.02 9.33
N ASN B 144 26.62 4.85 10.46
CA ASN B 144 27.58 3.76 10.64
C ASN B 144 26.86 2.43 10.47
N ASP B 145 25.71 2.30 11.14
CA ASP B 145 24.95 1.07 11.06
C ASP B 145 24.52 0.79 9.64
N TRP B 146 24.08 1.82 8.93
CA TRP B 146 23.63 1.64 7.56
C TRP B 146 24.79 1.22 6.65
N GLY B 147 25.99 1.69 6.98
CA GLY B 147 27.16 1.35 6.18
C GLY B 147 27.44 -0.14 6.30
N SER B 148 27.42 -0.65 7.54
CA SER B 148 27.68 -2.05 7.76
C SER B 148 26.56 -2.92 7.17
N ALA B 149 25.34 -2.42 7.20
CA ALA B 149 24.21 -3.17 6.66
C ALA B 149 24.36 -3.30 5.14
N ALA B 150 24.79 -2.22 4.50
CA ALA B 150 24.98 -2.23 3.06
C ALA B 150 26.01 -3.29 2.69
N VAL B 151 27.16 -3.24 3.35
CA VAL B 151 28.23 -4.20 3.08
C VAL B 151 27.73 -5.63 3.28
N GLU B 152 27.08 -5.89 4.41
CA GLU B 152 26.58 -7.22 4.67
C GLU B 152 25.57 -7.73 3.63
N MET B 153 24.61 -6.88 3.26
CA MET B 153 23.61 -7.30 2.30
C MET B 153 24.23 -7.46 0.93
N GLY B 154 25.25 -6.66 0.66
CA GLY B 154 25.93 -6.75 -0.63
C GLY B 154 26.59 -8.10 -0.80
N LEU B 155 27.29 -8.56 0.24
CA LEU B 155 27.97 -9.84 0.19
C LEU B 155 27.00 -11.01 0.11
N LYS B 156 25.96 -11.00 0.94
CA LYS B 156 24.99 -12.09 0.92
C LYS B 156 24.27 -12.20 -0.42
N ALA B 157 24.33 -11.13 -1.22
CA ALA B 157 23.68 -11.12 -2.53
C ALA B 157 24.57 -11.78 -3.59
N LEU B 158 25.78 -12.15 -3.20
CA LEU B 158 26.74 -12.79 -4.11
C LEU B 158 26.97 -14.25 -3.70
N LEU C 13 0.42 -33.66 11.97
CA LEU C 13 1.11 -33.19 10.74
C LEU C 13 2.61 -33.42 10.80
N LYS C 14 3.13 -34.18 9.84
CA LYS C 14 4.56 -34.47 9.79
C LYS C 14 5.12 -34.06 8.43
N GLY C 15 6.31 -33.47 8.42
CA GLY C 15 6.91 -33.04 7.18
C GLY C 15 8.38 -33.44 7.14
N PRO C 16 8.68 -34.74 7.05
CA PRO C 16 10.04 -35.27 7.01
C PRO C 16 10.83 -34.78 5.80
N GLU C 17 10.11 -34.53 4.70
CA GLU C 17 10.75 -34.07 3.46
C GLU C 17 10.80 -32.56 3.27
N LEU C 18 10.09 -31.82 4.12
CA LEU C 18 10.03 -30.36 4.03
C LEU C 18 11.34 -29.65 4.25
N ARG C 19 11.62 -28.67 3.39
CA ARG C 19 12.81 -27.86 3.51
C ARG C 19 12.29 -26.50 3.92
N ILE C 20 12.78 -26.00 5.06
CA ILE C 20 12.31 -24.74 5.58
C ILE C 20 13.39 -23.70 5.82
N LEU C 21 13.07 -22.46 5.48
CA LEU C 21 14.01 -21.34 5.64
C LEU C 21 13.60 -20.40 6.78
N ILE C 22 14.59 -19.95 7.56
CA ILE C 22 14.34 -19.04 8.66
C ILE C 22 15.31 -17.86 8.59
N VAL C 23 14.79 -16.69 8.26
CA VAL C 23 15.63 -15.49 8.21
C VAL C 23 15.23 -14.63 9.42
N HIS C 24 16.21 -14.25 10.23
CA HIS C 24 15.92 -13.44 11.41
C HIS C 24 16.84 -12.26 11.50
N ALA C 25 16.35 -11.18 12.10
CA ALA C 25 17.15 -9.97 12.24
C ALA C 25 18.02 -10.15 13.47
N ARG C 26 18.93 -9.21 13.70
CA ARG C 26 19.82 -9.32 14.83
C ARG C 26 19.59 -8.38 16.01
N TYR C 27 18.76 -7.35 15.85
CA TYR C 27 18.49 -6.46 16.96
C TYR C 27 17.60 -7.21 17.96
N ASN C 28 17.84 -6.98 19.24
CA ASN C 28 17.05 -7.64 20.29
C ASN C 28 17.27 -9.13 20.25
N LEU C 29 18.54 -9.53 20.23
CA LEU C 29 18.88 -10.93 20.18
C LEU C 29 18.33 -11.69 21.40
N GLN C 30 18.02 -10.96 22.48
CA GLN C 30 17.50 -11.60 23.69
C GLN C 30 16.11 -12.17 23.49
N ALA C 31 15.32 -11.51 22.64
CA ALA C 31 13.97 -11.97 22.36
C ALA C 31 13.99 -12.87 21.12
N ILE C 32 14.90 -12.57 20.20
CA ILE C 32 15.02 -13.32 18.96
C ILE C 32 15.50 -14.78 19.10
N GLU C 33 16.51 -15.03 19.92
CA GLU C 33 16.98 -16.41 20.09
C GLU C 33 15.88 -17.35 20.56
N PRO C 34 15.18 -16.98 21.65
CA PRO C 34 14.11 -17.86 22.13
C PRO C 34 13.09 -18.16 21.02
N LEU C 35 12.80 -17.14 20.23
CA LEU C 35 11.85 -17.23 19.14
C LEU C 35 12.29 -18.26 18.10
N VAL C 36 13.53 -18.15 17.64
CA VAL C 36 14.08 -19.09 16.67
C VAL C 36 14.12 -20.49 17.26
N LYS C 37 14.62 -20.61 18.49
CA LYS C 37 14.70 -21.89 19.19
C LYS C 37 13.37 -22.60 19.16
N GLY C 38 12.34 -21.92 19.66
CA GLY C 38 11.00 -22.50 19.71
C GLY C 38 10.52 -22.97 18.36
N ALA C 39 10.81 -22.20 17.33
CA ALA C 39 10.39 -22.56 15.97
C ALA C 39 11.07 -23.86 15.56
N VAL C 40 12.39 -23.91 15.66
CA VAL C 40 13.15 -25.09 15.30
C VAL C 40 12.72 -26.28 16.15
N GLU C 41 12.81 -26.12 17.47
CA GLU C 41 12.43 -27.17 18.40
C GLU C 41 11.09 -27.79 17.99
N THR C 42 10.08 -26.94 17.85
CA THR C 42 8.75 -27.41 17.50
C THR C 42 8.68 -28.21 16.20
N MET C 43 9.36 -27.74 15.16
CA MET C 43 9.34 -28.44 13.88
C MET C 43 9.99 -29.82 13.96
N ILE C 44 11.16 -29.89 14.58
CA ILE C 44 11.88 -31.15 14.76
C ILE C 44 11.08 -32.14 15.60
N GLU C 45 10.83 -31.77 16.85
CA GLU C 45 10.14 -32.61 17.81
C GLU C 45 8.64 -32.88 17.65
N LYS C 46 7.92 -32.06 16.88
CA LYS C 46 6.49 -32.29 16.73
C LYS C 46 6.05 -32.61 15.32
N HIS C 47 6.83 -32.18 14.34
CA HIS C 47 6.44 -32.41 12.95
C HIS C 47 7.46 -33.22 12.15
N ASP C 48 8.44 -33.77 12.85
CA ASP C 48 9.46 -34.60 12.22
C ASP C 48 10.23 -33.91 11.12
N VAL C 49 10.53 -32.63 11.30
CA VAL C 49 11.30 -31.92 10.29
C VAL C 49 12.75 -32.29 10.58
N LYS C 50 13.54 -32.51 9.54
CA LYS C 50 14.93 -32.87 9.73
C LYS C 50 15.80 -31.65 9.89
N LEU C 51 16.61 -31.65 10.94
CA LEU C 51 17.50 -30.54 11.23
C LEU C 51 18.32 -30.08 10.01
N GLU C 52 18.78 -31.02 9.18
CA GLU C 52 19.59 -30.65 8.02
C GLU C 52 18.76 -29.90 6.98
N ASN C 53 17.44 -30.06 7.06
CA ASN C 53 16.50 -29.43 6.14
C ASN C 53 15.99 -28.08 6.61
N ILE C 54 16.75 -27.43 7.49
CA ILE C 54 16.37 -26.13 8.02
C ILE C 54 17.53 -25.16 7.90
N ASP C 55 17.42 -24.20 6.99
CA ASP C 55 18.47 -23.20 6.82
C ASP C 55 18.15 -22.00 7.69
N ILE C 56 19.17 -21.41 8.30
CA ILE C 56 18.95 -20.26 9.15
C ILE C 56 19.89 -19.12 8.76
N GLU C 57 19.37 -18.13 8.05
CA GLU C 57 20.16 -16.98 7.63
C GLU C 57 19.81 -15.86 8.59
N SER C 58 20.51 -14.73 8.47
CA SER C 58 20.24 -13.60 9.32
C SER C 58 20.57 -12.32 8.56
N VAL C 59 19.97 -11.22 9.01
CA VAL C 59 20.20 -9.92 8.40
C VAL C 59 20.37 -8.92 9.56
N PRO C 60 20.92 -7.74 9.27
CA PRO C 60 21.14 -6.74 10.31
C PRO C 60 19.86 -6.42 11.09
N GLY C 61 18.82 -5.99 10.38
CA GLY C 61 17.58 -5.65 11.04
C GLY C 61 16.33 -6.01 10.28
N SER C 62 15.17 -5.74 10.87
CA SER C 62 13.86 -6.04 10.28
C SER C 62 13.63 -5.47 8.89
N TRP C 63 14.22 -4.32 8.59
CA TRP C 63 14.03 -3.75 7.28
C TRP C 63 14.54 -4.67 6.18
N GLU C 64 15.63 -5.39 6.45
CA GLU C 64 16.21 -6.30 5.47
C GLU C 64 15.54 -7.66 5.39
N LEU C 65 14.55 -7.90 6.24
CA LEU C 65 13.84 -9.17 6.23
C LEU C 65 13.23 -9.52 4.86
N PRO C 66 12.43 -8.62 4.26
CA PRO C 66 11.86 -8.94 2.95
C PRO C 66 12.90 -9.27 1.87
N GLN C 67 13.93 -8.45 1.74
CA GLN C 67 14.95 -8.70 0.72
C GLN C 67 15.81 -9.91 1.04
N GLY C 68 16.13 -10.09 2.31
CA GLY C 68 16.91 -11.25 2.68
C GLY C 68 16.19 -12.52 2.25
N ILE C 69 14.87 -12.57 2.48
CA ILE C 69 14.07 -13.72 2.11
C ILE C 69 13.99 -13.87 0.60
N ARG C 70 13.70 -12.78 -0.10
CA ARG C 70 13.59 -12.80 -1.55
C ARG C 70 14.86 -13.33 -2.22
N ALA C 71 16.02 -12.94 -1.69
CA ALA C 71 17.28 -13.38 -2.25
C ALA C 71 17.43 -14.89 -2.08
N SER C 72 17.24 -15.38 -0.86
CA SER C 72 17.36 -16.80 -0.57
C SER C 72 16.38 -17.64 -1.39
N ILE C 73 15.14 -17.18 -1.53
CA ILE C 73 14.12 -17.90 -2.29
C ILE C 73 14.58 -18.10 -3.73
N ALA C 74 15.39 -17.16 -4.23
CA ALA C 74 15.90 -17.22 -5.59
C ALA C 74 17.03 -18.24 -5.72
N ARG C 75 17.83 -18.40 -4.68
CA ARG C 75 18.93 -19.34 -4.68
C ARG C 75 18.37 -20.75 -4.60
N ASN C 76 18.07 -21.20 -3.38
CA ASN C 76 17.56 -22.56 -3.16
C ASN C 76 16.04 -22.65 -3.19
N THR C 77 15.53 -23.86 -2.95
CA THR C 77 14.10 -24.10 -2.94
C THR C 77 13.64 -24.50 -1.56
N TYR C 78 12.58 -23.84 -1.09
CA TYR C 78 12.03 -24.11 0.23
C TYR C 78 10.54 -24.30 0.11
N ASP C 79 9.95 -24.98 1.09
CA ASP C 79 8.52 -25.21 1.08
C ASP C 79 7.81 -24.12 1.89
N ALA C 80 8.57 -23.53 2.81
CA ALA C 80 8.03 -22.47 3.65
C ALA C 80 9.19 -21.69 4.23
N VAL C 81 8.92 -20.44 4.61
CA VAL C 81 9.92 -19.58 5.20
C VAL C 81 9.31 -18.80 6.34
N ILE C 82 10.12 -18.52 7.37
CA ILE C 82 9.66 -17.77 8.53
C ILE C 82 10.51 -16.51 8.68
N GLY C 83 9.85 -15.35 8.70
CA GLY C 83 10.56 -14.10 8.89
C GLY C 83 10.44 -13.72 10.35
N ILE C 84 11.58 -13.62 11.04
CA ILE C 84 11.55 -13.28 12.45
C ILE C 84 12.31 -12.01 12.77
N GLY C 85 11.68 -11.15 13.56
CA GLY C 85 12.29 -9.89 13.94
C GLY C 85 11.43 -9.20 14.98
N VAL C 86 12.00 -8.27 15.73
CA VAL C 86 11.21 -7.56 16.70
C VAL C 86 11.44 -6.06 16.62
N LEU C 87 10.35 -5.32 16.50
CA LEU C 87 10.39 -3.87 16.41
C LEU C 87 9.78 -3.32 17.69
N ILE C 88 10.47 -2.35 18.30
CA ILE C 88 10.00 -1.73 19.53
C ILE C 88 9.75 -0.23 19.34
N LYS C 89 8.59 0.24 19.78
CA LYS C 89 8.25 1.66 19.66
C LYS C 89 9.34 2.52 20.28
N GLY C 90 9.78 3.53 19.53
CA GLY C 90 10.80 4.44 20.02
C GLY C 90 10.29 5.86 20.17
N SER C 91 11.19 6.83 20.19
CA SER C 91 10.79 8.23 20.35
C SER C 91 10.26 8.85 19.07
N THR C 92 10.68 8.35 17.92
CA THR C 92 10.24 8.92 16.65
C THR C 92 9.11 8.10 16.01
N MET C 93 8.74 8.46 14.79
CA MET C 93 7.69 7.76 14.06
C MET C 93 8.26 6.55 13.31
N HIS C 94 9.57 6.37 13.41
CA HIS C 94 10.26 5.28 12.76
C HIS C 94 9.52 3.94 12.90
N PHE C 95 9.24 3.57 14.14
CA PHE C 95 8.56 2.32 14.45
C PHE C 95 7.34 2.10 13.57
N GLU C 96 6.45 3.09 13.53
CA GLU C 96 5.23 3.00 12.75
C GLU C 96 5.41 2.76 11.27
N TYR C 97 6.28 3.55 10.62
CA TYR C 97 6.49 3.39 9.18
C TYR C 97 7.23 2.12 8.76
N ILE C 98 8.25 1.72 9.51
CA ILE C 98 8.99 0.50 9.20
C ILE C 98 8.10 -0.73 9.39
N SER C 99 7.36 -0.75 10.50
CA SER C 99 6.48 -1.88 10.80
C SER C 99 5.54 -2.13 9.64
N GLU C 100 4.87 -1.08 9.21
CA GLU C 100 3.93 -1.17 8.11
C GLU C 100 4.61 -1.65 6.81
N ALA C 101 5.76 -1.10 6.48
CA ALA C 101 6.45 -1.45 5.27
C ALA C 101 6.96 -2.89 5.28
N VAL C 102 7.53 -3.31 6.40
CA VAL C 102 8.06 -4.66 6.52
C VAL C 102 6.94 -5.70 6.44
N VAL C 103 5.85 -5.47 7.16
CA VAL C 103 4.74 -6.42 7.14
C VAL C 103 4.16 -6.52 5.73
N HIS C 104 3.97 -5.38 5.07
CA HIS C 104 3.44 -5.36 3.73
C HIS C 104 4.42 -6.06 2.77
N GLY C 105 5.71 -5.90 3.03
CA GLY C 105 6.74 -6.50 2.20
C GLY C 105 6.86 -8.00 2.28
N LEU C 106 6.70 -8.55 3.49
CA LEU C 106 6.80 -9.99 3.67
C LEU C 106 5.59 -10.61 2.97
N MET C 107 4.44 -9.94 3.09
CA MET C 107 3.22 -10.41 2.46
C MET C 107 3.44 -10.42 0.95
N ARG C 108 4.10 -9.39 0.43
CA ARG C 108 4.34 -9.33 -1.00
C ARG C 108 5.28 -10.43 -1.49
N VAL C 109 6.39 -10.61 -0.79
CA VAL C 109 7.34 -11.64 -1.20
C VAL C 109 6.64 -12.99 -1.28
N GLY C 110 5.81 -13.28 -0.30
CA GLY C 110 5.11 -14.55 -0.30
C GLY C 110 4.18 -14.71 -1.50
N LEU C 111 3.35 -13.72 -1.76
CA LEU C 111 2.41 -13.78 -2.88
C LEU C 111 3.09 -13.74 -4.24
N ASP C 112 4.22 -13.07 -4.34
CA ASP C 112 4.93 -12.99 -5.61
C ASP C 112 5.58 -14.31 -5.96
N SER C 113 6.18 -14.95 -4.97
CA SER C 113 6.91 -16.21 -5.17
C SER C 113 6.07 -17.47 -5.12
N GLY C 114 4.94 -17.43 -4.44
CA GLY C 114 4.11 -18.62 -4.32
C GLY C 114 4.60 -19.46 -3.15
N VAL C 115 5.65 -19.00 -2.49
CA VAL C 115 6.20 -19.69 -1.33
C VAL C 115 5.58 -19.10 -0.05
N PRO C 116 5.05 -19.95 0.84
CA PRO C 116 4.43 -19.46 2.08
C PRO C 116 5.42 -18.78 3.02
N VAL C 117 5.11 -17.57 3.41
CA VAL C 117 5.97 -16.81 4.30
C VAL C 117 5.21 -16.59 5.60
N ILE C 118 5.71 -17.16 6.70
CA ILE C 118 5.06 -17.00 8.00
C ILE C 118 5.61 -15.77 8.70
N LEU C 119 4.70 -14.92 9.19
CA LEU C 119 5.08 -13.69 9.86
C LEU C 119 5.51 -13.92 11.29
N GLY C 120 6.81 -13.72 11.56
CA GLY C 120 7.34 -13.89 12.90
C GLY C 120 7.89 -12.55 13.37
N LEU C 121 7.18 -11.48 13.02
CA LEU C 121 7.56 -10.12 13.37
C LEU C 121 6.78 -9.64 14.59
N LEU C 122 7.48 -9.22 15.64
CA LEU C 122 6.80 -8.70 16.82
C LEU C 122 6.90 -7.18 16.74
N THR C 123 5.76 -6.51 16.89
CA THR C 123 5.69 -5.04 16.85
C THR C 123 5.12 -4.62 18.20
N VAL C 124 6.02 -4.43 19.17
CA VAL C 124 5.64 -4.10 20.53
C VAL C 124 5.95 -2.68 21.01
N LEU C 125 5.40 -2.35 22.19
CA LEU C 125 5.60 -1.04 22.82
C LEU C 125 6.87 -1.01 23.65
N ASN C 126 7.26 -2.15 24.19
CA ASN C 126 8.47 -2.23 25.00
C ASN C 126 9.07 -3.62 25.04
N GLU C 127 10.32 -3.70 25.48
CA GLU C 127 11.06 -4.95 25.57
C GLU C 127 10.34 -6.06 26.31
N GLU C 128 9.65 -5.69 27.39
CA GLU C 128 8.92 -6.68 28.17
C GLU C 128 7.89 -7.43 27.33
N GLN C 129 7.12 -6.70 26.53
CA GLN C 129 6.11 -7.33 25.68
C GLN C 129 6.71 -8.36 24.73
N ALA C 130 7.92 -8.06 24.25
CA ALA C 130 8.60 -8.94 23.33
C ALA C 130 9.06 -10.23 24.02
N LEU C 131 9.74 -10.08 25.15
CA LEU C 131 10.22 -11.23 25.92
C LEU C 131 9.05 -12.11 26.31
N TYR C 132 7.93 -11.49 26.68
CA TYR C 132 6.75 -12.24 27.09
C TYR C 132 6.26 -13.16 25.96
N ARG C 133 6.32 -12.65 24.74
CA ARG C 133 5.86 -13.42 23.59
C ARG C 133 6.94 -14.38 23.07
N ALA C 134 8.11 -14.33 23.70
CA ALA C 134 9.21 -15.22 23.34
C ALA C 134 9.24 -16.37 24.36
N GLY C 135 8.22 -16.45 25.21
CA GLY C 135 8.15 -17.50 26.20
C GLY C 135 8.68 -17.20 27.59
N LEU C 136 9.38 -16.08 27.77
CA LEU C 136 9.93 -15.70 29.07
C LEU C 136 8.90 -15.06 29.99
N ASN C 137 9.26 -14.93 31.27
CA ASN C 137 8.41 -14.34 32.30
C ASN C 137 6.96 -14.82 32.30
N GLY C 138 6.75 -16.11 32.11
CA GLY C 138 5.41 -16.66 32.13
C GLY C 138 4.62 -16.55 30.83
N GLY C 139 5.25 -16.07 29.77
CA GLY C 139 4.54 -15.95 28.52
C GLY C 139 4.66 -17.19 27.66
N HIS C 140 3.91 -17.21 26.55
CA HIS C 140 3.94 -18.31 25.61
C HIS C 140 4.86 -18.00 24.44
N ASN C 141 5.73 -18.94 24.07
CA ASN C 141 6.65 -18.72 22.96
C ASN C 141 5.90 -18.82 21.62
N HIS C 142 5.83 -17.70 20.90
CA HIS C 142 5.13 -17.67 19.61
C HIS C 142 5.93 -18.32 18.51
N GLY C 143 7.21 -18.59 18.77
CA GLY C 143 8.03 -19.24 17.76
C GLY C 143 7.51 -20.64 17.50
N ASN C 144 6.94 -21.27 18.53
CA ASN C 144 6.39 -22.60 18.40
C ASN C 144 5.26 -22.56 17.40
N ASP C 145 4.37 -21.59 17.55
CA ASP C 145 3.24 -21.46 16.67
C ASP C 145 3.69 -21.23 15.23
N TRP C 146 4.72 -20.42 15.05
CA TRP C 146 5.19 -20.13 13.70
C TRP C 146 5.79 -21.38 13.08
N GLY C 147 6.39 -22.22 13.91
CA GLY C 147 7.00 -23.45 13.43
C GLY C 147 5.93 -24.37 12.88
N SER C 148 4.84 -24.54 13.61
CA SER C 148 3.76 -25.40 13.16
C SER C 148 3.06 -24.82 11.94
N ALA C 149 2.99 -23.49 11.86
CA ALA C 149 2.34 -22.86 10.73
C ALA C 149 3.16 -23.09 9.46
N ALA C 150 4.48 -23.02 9.60
CA ALA C 150 5.36 -23.23 8.47
C ALA C 150 5.14 -24.65 7.92
N VAL C 151 5.19 -25.62 8.82
CA VAL C 151 5.02 -27.01 8.43
C VAL C 151 3.69 -27.21 7.72
N GLU C 152 2.63 -26.70 8.31
CA GLU C 152 1.30 -26.85 7.73
C GLU C 152 1.17 -26.22 6.35
N MET C 153 1.64 -24.97 6.21
CA MET C 153 1.55 -24.29 4.94
C MET C 153 2.45 -24.97 3.90
N GLY C 154 3.55 -25.53 4.37
CA GLY C 154 4.45 -26.20 3.46
C GLY C 154 3.78 -27.41 2.82
N LEU C 155 3.11 -28.21 3.64
CA LEU C 155 2.42 -29.40 3.17
C LEU C 155 1.27 -29.06 2.24
N LYS C 156 0.43 -28.11 2.63
CA LYS C 156 -0.71 -27.73 1.80
C LYS C 156 -0.26 -27.17 0.44
N ALA C 157 1.01 -26.78 0.33
CA ALA C 157 1.53 -26.24 -0.92
C ALA C 157 1.94 -27.35 -1.87
N LEU C 158 1.88 -28.59 -1.40
CA LEU C 158 2.25 -29.76 -2.18
C LEU C 158 1.01 -30.62 -2.49
N LEU D 13 -31.63 -15.10 -7.01
CA LEU D 13 -30.31 -15.55 -7.55
C LEU D 13 -30.02 -16.99 -7.17
N LYS D 14 -29.85 -17.85 -8.19
CA LYS D 14 -29.55 -19.25 -7.96
C LYS D 14 -28.27 -19.63 -8.71
N GLY D 15 -27.42 -20.41 -8.06
CA GLY D 15 -26.18 -20.83 -8.70
C GLY D 15 -25.95 -22.31 -8.51
N PRO D 16 -26.77 -23.17 -9.15
CA PRO D 16 -26.65 -24.62 -9.05
C PRO D 16 -25.32 -25.16 -9.56
N GLU D 17 -24.73 -24.45 -10.53
CA GLU D 17 -23.48 -24.87 -11.14
C GLU D 17 -22.23 -24.24 -10.51
N LEU D 18 -22.43 -23.25 -9.65
CA LEU D 18 -21.30 -22.55 -9.03
C LEU D 18 -20.45 -23.41 -8.12
N ARG D 19 -19.14 -23.23 -8.25
CA ARG D 19 -18.19 -23.94 -7.40
C ARG D 19 -17.60 -22.84 -6.53
N ILE D 20 -17.73 -23.00 -5.22
CA ILE D 20 -17.25 -22.00 -4.29
C ILE D 20 -16.23 -22.49 -3.27
N LEU D 21 -15.23 -21.65 -3.02
CA LEU D 21 -14.18 -21.98 -2.06
C LEU D 21 -14.27 -21.16 -0.77
N ILE D 22 -14.07 -21.82 0.37
CA ILE D 22 -14.09 -21.15 1.66
C ILE D 22 -12.85 -21.48 2.46
N VAL D 23 -11.96 -20.50 2.63
CA VAL D 23 -10.76 -20.70 3.43
C VAL D 23 -10.95 -19.93 4.74
N HIS D 24 -10.79 -20.60 5.87
CA HIS D 24 -10.97 -19.93 7.15
C HIS D 24 -9.81 -20.20 8.09
N ALA D 25 -9.53 -19.24 8.97
CA ALA D 25 -8.45 -19.43 9.92
C ALA D 25 -8.99 -20.24 11.09
N ARG D 26 -8.13 -20.61 12.02
CA ARG D 26 -8.55 -21.41 13.15
C ARG D 26 -8.61 -20.73 14.50
N TYR D 27 -8.06 -19.53 14.63
CA TYR D 27 -8.12 -18.85 15.93
C TYR D 27 -9.54 -18.35 16.11
N ASN D 28 -10.04 -18.42 17.34
CA ASN D 28 -11.40 -17.96 17.64
C ASN D 28 -12.41 -18.84 16.92
N LEU D 29 -12.26 -20.14 17.08
CA LEU D 29 -13.16 -21.08 16.44
C LEU D 29 -14.61 -20.87 16.88
N GLN D 30 -14.80 -20.25 18.04
CA GLN D 30 -16.14 -19.99 18.57
C GLN D 30 -16.93 -19.02 17.71
N ALA D 31 -16.23 -18.07 17.11
CA ALA D 31 -16.87 -17.07 16.26
C ALA D 31 -16.80 -17.54 14.81
N ILE D 32 -15.75 -18.26 14.48
CA ILE D 32 -15.56 -18.74 13.13
C ILE D 32 -16.55 -19.80 12.65
N GLU D 33 -16.86 -20.79 13.49
CA GLU D 33 -17.81 -21.82 13.07
C GLU D 33 -19.17 -21.24 12.67
N PRO D 34 -19.76 -20.41 13.52
CA PRO D 34 -21.06 -19.83 13.18
C PRO D 34 -20.99 -19.11 11.82
N LEU D 35 -19.89 -18.41 11.61
CA LEU D 35 -19.66 -17.65 10.39
C LEU D 35 -19.67 -18.56 9.16
N VAL D 36 -18.88 -19.63 9.21
CA VAL D 36 -18.82 -20.58 8.10
C VAL D 36 -20.20 -21.21 7.89
N LYS D 37 -20.82 -21.66 8.98
CA LYS D 37 -22.15 -22.28 8.94
C LYS D 37 -23.12 -21.40 8.17
N GLY D 38 -23.26 -20.15 8.63
CA GLY D 38 -24.18 -19.22 8.00
C GLY D 38 -23.91 -19.06 6.52
N ALA D 39 -22.64 -19.04 6.14
CA ALA D 39 -22.28 -18.88 4.74
C ALA D 39 -22.76 -20.07 3.94
N VAL D 40 -22.40 -21.27 4.40
CA VAL D 40 -22.81 -22.49 3.72
C VAL D 40 -24.33 -22.61 3.67
N GLU D 41 -24.95 -22.57 4.86
CA GLU D 41 -26.40 -22.65 4.99
C GLU D 41 -27.08 -21.75 3.95
N THR D 42 -26.72 -20.48 3.97
CA THR D 42 -27.32 -19.50 3.07
C THR D 42 -27.17 -19.86 1.59
N MET D 43 -25.99 -20.32 1.18
CA MET D 43 -25.78 -20.66 -0.22
C MET D 43 -26.64 -21.84 -0.65
N ILE D 44 -26.64 -22.90 0.15
CA ILE D 44 -27.42 -24.10 -0.12
C ILE D 44 -28.92 -23.77 -0.18
N GLU D 45 -29.45 -23.36 0.97
CA GLU D 45 -30.87 -23.06 1.14
C GLU D 45 -31.48 -21.85 0.44
N LYS D 46 -30.68 -20.89 0.00
CA LYS D 46 -31.26 -19.71 -0.65
C LYS D 46 -30.84 -19.51 -2.08
N HIS D 47 -29.69 -20.07 -2.46
CA HIS D 47 -29.20 -19.87 -3.82
C HIS D 47 -28.97 -21.18 -4.57
N ASP D 48 -29.46 -22.28 -4.00
CA ASP D 48 -29.36 -23.58 -4.62
C ASP D 48 -27.94 -24.01 -4.96
N VAL D 49 -26.99 -23.69 -4.09
CA VAL D 49 -25.62 -24.11 -4.35
C VAL D 49 -25.55 -25.56 -3.87
N LYS D 50 -24.87 -26.41 -4.62
CA LYS D 50 -24.76 -27.82 -4.22
C LYS D 50 -23.64 -28.03 -3.23
N LEU D 51 -23.97 -28.71 -2.14
CA LEU D 51 -23.00 -28.98 -1.08
C LEU D 51 -21.68 -29.57 -1.61
N GLU D 52 -21.74 -30.43 -2.62
CA GLU D 52 -20.52 -31.04 -3.16
C GLU D 52 -19.67 -30.00 -3.87
N ASN D 53 -20.29 -28.90 -4.27
CA ASN D 53 -19.61 -27.82 -4.97
C ASN D 53 -19.04 -26.73 -4.06
N ILE D 54 -18.82 -27.08 -2.80
CA ILE D 54 -18.29 -26.14 -1.82
C ILE D 54 -17.09 -26.74 -1.09
N ASP D 55 -15.90 -26.26 -1.39
CA ASP D 55 -14.69 -26.75 -0.74
C ASP D 55 -14.41 -25.88 0.48
N ILE D 56 -13.99 -26.51 1.57
CA ILE D 56 -13.69 -25.77 2.78
C ILE D 56 -12.30 -26.12 3.32
N GLU D 57 -11.33 -25.24 3.06
CA GLU D 57 -9.96 -25.45 3.53
C GLU D 57 -9.80 -24.60 4.78
N SER D 58 -8.66 -24.73 5.43
CA SER D 58 -8.39 -23.95 6.64
C SER D 58 -6.90 -23.70 6.75
N VAL D 59 -6.54 -22.65 7.47
CA VAL D 59 -5.15 -22.29 7.70
C VAL D 59 -5.03 -21.96 9.18
N PRO D 60 -3.80 -21.92 9.71
CA PRO D 60 -3.59 -21.62 11.13
C PRO D 60 -4.24 -20.31 11.55
N GLY D 61 -3.87 -19.21 10.90
CA GLY D 61 -4.43 -17.93 11.25
C GLY D 61 -4.67 -17.02 10.07
N SER D 62 -5.22 -15.82 10.36
CA SER D 62 -5.55 -14.83 9.36
C SER D 62 -4.40 -14.42 8.43
N TRP D 63 -3.17 -14.43 8.94
CA TRP D 63 -2.06 -14.06 8.10
C TRP D 63 -1.94 -14.97 6.88
N GLU D 64 -2.24 -16.26 7.06
CA GLU D 64 -2.15 -17.23 5.97
C GLU D 64 -3.35 -17.23 5.02
N LEU D 65 -4.35 -16.42 5.32
CA LEU D 65 -5.53 -16.36 4.47
C LEU D 65 -5.21 -16.04 3.00
N PRO D 66 -4.48 -14.94 2.74
CA PRO D 66 -4.17 -14.63 1.34
C PRO D 66 -3.44 -15.75 0.59
N GLN D 67 -2.39 -16.31 1.18
CA GLN D 67 -1.64 -17.38 0.51
C GLN D 67 -2.44 -18.67 0.43
N GLY D 68 -3.19 -18.98 1.47
CA GLY D 68 -4.00 -20.18 1.44
C GLY D 68 -4.93 -20.14 0.24
N ILE D 69 -5.55 -18.98 0.03
CA ILE D 69 -6.47 -18.80 -1.11
C ILE D 69 -5.72 -18.86 -2.43
N ARG D 70 -4.61 -18.14 -2.54
CA ARG D 70 -3.84 -18.11 -3.76
C ARG D 70 -3.41 -19.51 -4.21
N ALA D 71 -3.02 -20.34 -3.26
CA ALA D 71 -2.60 -21.70 -3.55
C ALA D 71 -3.76 -22.50 -4.13
N SER D 72 -4.89 -22.49 -3.43
CA SER D 72 -6.07 -23.21 -3.88
C SER D 72 -6.58 -22.76 -5.25
N ILE D 73 -6.58 -21.44 -5.50
CA ILE D 73 -7.02 -20.88 -6.77
C ILE D 73 -6.16 -21.44 -7.92
N ALA D 74 -4.91 -21.76 -7.61
CA ALA D 74 -3.98 -22.30 -8.61
C ALA D 74 -4.29 -23.76 -8.92
N ARG D 75 -4.71 -24.51 -7.90
CA ARG D 75 -5.05 -25.92 -8.06
C ARG D 75 -6.34 -26.04 -8.86
N ASN D 76 -7.48 -25.94 -8.18
CA ASN D 76 -8.78 -26.08 -8.83
C ASN D 76 -9.36 -24.77 -9.32
N THR D 77 -10.55 -24.84 -9.88
CA THR D 77 -11.23 -23.67 -10.42
C THR D 77 -12.49 -23.36 -9.63
N TYR D 78 -12.63 -22.11 -9.21
CA TYR D 78 -13.79 -21.70 -8.44
C TYR D 78 -14.39 -20.45 -9.06
N ASP D 79 -15.66 -20.20 -8.77
CA ASP D 79 -16.32 -19.01 -9.29
C ASP D 79 -16.22 -17.86 -8.29
N ALA D 80 -16.03 -18.22 -7.03
CA ALA D 80 -15.91 -17.23 -5.98
C ALA D 80 -15.28 -17.88 -4.76
N VAL D 81 -14.66 -17.07 -3.92
CA VAL D 81 -14.03 -17.58 -2.73
C VAL D 81 -14.31 -16.63 -1.56
N ILE D 82 -14.41 -17.20 -0.36
CA ILE D 82 -14.67 -16.40 0.84
C ILE D 82 -13.53 -16.58 1.84
N GLY D 83 -12.94 -15.48 2.26
CA GLY D 83 -11.85 -15.55 3.22
C GLY D 83 -12.46 -15.20 4.56
N ILE D 84 -12.40 -16.14 5.50
CA ILE D 84 -12.96 -15.89 6.82
C ILE D 84 -11.93 -15.99 7.94
N GLY D 85 -11.99 -15.02 8.84
CA GLY D 85 -11.07 -14.99 9.96
C GLY D 85 -11.47 -13.86 10.90
N VAL D 86 -10.98 -13.91 12.14
CA VAL D 86 -11.30 -12.83 13.06
C VAL D 86 -10.05 -12.41 13.79
N LEU D 87 -9.80 -11.10 13.76
CA LEU D 87 -8.66 -10.50 14.44
C LEU D 87 -9.19 -9.66 15.59
N ILE D 88 -8.58 -9.82 16.76
CA ILE D 88 -8.99 -9.08 17.94
C ILE D 88 -7.87 -8.19 18.46
N LYS D 89 -8.16 -6.91 18.70
CA LYS D 89 -7.16 -5.97 19.21
C LYS D 89 -6.51 -6.53 20.48
N GLY D 90 -5.18 -6.50 20.53
CA GLY D 90 -4.46 -6.99 21.68
C GLY D 90 -3.66 -5.89 22.36
N SER D 91 -2.63 -6.26 23.12
CA SER D 91 -1.83 -5.27 23.81
C SER D 91 -0.81 -4.56 22.94
N THR D 92 -0.37 -5.21 21.87
CA THR D 92 0.62 -4.61 20.99
C THR D 92 -0.02 -4.00 19.73
N MET D 93 0.83 -3.56 18.80
CA MET D 93 0.35 -2.96 17.56
C MET D 93 0.09 -4.04 16.50
N HIS D 94 0.37 -5.29 16.87
CA HIS D 94 0.17 -6.42 15.98
C HIS D 94 -1.15 -6.36 15.23
N PHE D 95 -2.24 -6.24 15.97
CA PHE D 95 -3.56 -6.18 15.40
C PHE D 95 -3.63 -5.23 14.23
N GLU D 96 -3.20 -3.99 14.44
CA GLU D 96 -3.25 -2.97 13.40
C GLU D 96 -2.50 -3.30 12.10
N TYR D 97 -1.26 -3.75 12.22
CA TYR D 97 -0.48 -4.06 11.02
C TYR D 97 -0.92 -5.30 10.28
N ILE D 98 -1.30 -6.35 11.00
CA ILE D 98 -1.75 -7.58 10.34
C ILE D 98 -3.08 -7.34 9.63
N SER D 99 -3.98 -6.61 10.28
CA SER D 99 -5.29 -6.33 9.72
C SER D 99 -5.14 -5.65 8.38
N GLU D 100 -4.33 -4.63 8.35
CA GLU D 100 -4.10 -3.87 7.14
C GLU D 100 -3.48 -4.72 6.02
N ALA D 101 -2.48 -5.53 6.39
CA ALA D 101 -1.81 -6.37 5.40
C ALA D 101 -2.71 -7.47 4.85
N VAL D 102 -3.47 -8.11 5.73
CA VAL D 102 -4.36 -9.17 5.28
C VAL D 102 -5.47 -8.65 4.39
N VAL D 103 -6.08 -7.54 4.77
CA VAL D 103 -7.15 -6.97 3.97
C VAL D 103 -6.62 -6.55 2.59
N HIS D 104 -5.46 -5.91 2.58
CA HIS D 104 -4.86 -5.47 1.33
C HIS D 104 -4.51 -6.70 0.47
N GLY D 105 -4.08 -7.77 1.14
CA GLY D 105 -3.68 -8.99 0.45
C GLY D 105 -4.81 -9.77 -0.20
N LEU D 106 -5.96 -9.83 0.46
CA LEU D 106 -7.12 -10.54 -0.07
C LEU D 106 -7.58 -9.77 -1.30
N MET D 107 -7.55 -8.45 -1.20
CA MET D 107 -7.94 -7.59 -2.30
C MET D 107 -7.01 -7.88 -3.48
N ARG D 108 -5.72 -7.99 -3.20
CA ARG D 108 -4.76 -8.25 -4.27
C ARG D 108 -4.98 -9.61 -4.96
N VAL D 109 -5.12 -10.66 -4.16
CA VAL D 109 -5.32 -11.99 -4.71
C VAL D 109 -6.53 -11.99 -5.65
N GLY D 110 -7.60 -11.31 -5.24
CA GLY D 110 -8.79 -11.26 -6.08
C GLY D 110 -8.54 -10.55 -7.40
N LEU D 111 -7.93 -9.37 -7.36
CA LEU D 111 -7.64 -8.60 -8.57
C LEU D 111 -6.60 -9.25 -9.47
N ASP D 112 -5.65 -9.94 -8.88
CA ASP D 112 -4.60 -10.61 -9.66
C ASP D 112 -5.16 -11.80 -10.44
N SER D 113 -6.01 -12.59 -9.76
CA SER D 113 -6.59 -13.79 -10.35
C SER D 113 -7.83 -13.60 -11.19
N GLY D 114 -8.59 -12.55 -10.93
CA GLY D 114 -9.81 -12.36 -11.69
C GLY D 114 -10.94 -13.12 -11.02
N VAL D 115 -10.62 -13.82 -9.92
CA VAL D 115 -11.62 -14.57 -9.17
C VAL D 115 -12.13 -13.70 -8.00
N PRO D 116 -13.47 -13.57 -7.87
CA PRO D 116 -14.03 -12.75 -6.79
C PRO D 116 -13.70 -13.30 -5.41
N VAL D 117 -13.13 -12.45 -4.57
CA VAL D 117 -12.79 -12.85 -3.21
C VAL D 117 -13.63 -12.01 -2.26
N ILE D 118 -14.53 -12.66 -1.51
CA ILE D 118 -15.38 -11.96 -0.56
C ILE D 118 -14.67 -11.86 0.80
N LEU D 119 -14.64 -10.65 1.36
CA LEU D 119 -13.99 -10.40 2.64
C LEU D 119 -14.83 -10.83 3.82
N GLY D 120 -14.41 -11.88 4.52
CA GLY D 120 -15.13 -12.37 5.68
C GLY D 120 -14.22 -12.27 6.89
N LEU D 121 -13.46 -11.17 6.94
CA LEU D 121 -12.52 -10.90 8.02
C LEU D 121 -13.14 -9.92 9.04
N LEU D 122 -13.17 -10.31 10.30
CA LEU D 122 -13.71 -9.42 11.31
C LEU D 122 -12.51 -8.83 12.04
N THR D 123 -12.49 -7.50 12.16
CA THR D 123 -11.41 -6.81 12.85
C THR D 123 -12.08 -6.06 14.00
N VAL D 124 -12.17 -6.74 15.14
CA VAL D 124 -12.85 -6.20 16.31
C VAL D 124 -11.97 -5.81 17.51
N LEU D 125 -12.58 -5.12 18.47
CA LEU D 125 -11.91 -4.68 19.69
C LEU D 125 -11.92 -5.77 20.75
N ASN D 126 -12.96 -6.60 20.74
CA ASN D 126 -13.06 -7.68 21.72
C ASN D 126 -13.90 -8.84 21.21
N GLU D 127 -13.79 -9.97 21.90
CA GLU D 127 -14.52 -11.19 21.56
C GLU D 127 -16.01 -11.00 21.41
N GLU D 128 -16.60 -10.18 22.26
CA GLU D 128 -18.03 -9.94 22.20
C GLU D 128 -18.44 -9.40 20.84
N GLN D 129 -17.73 -8.40 20.35
CA GLN D 129 -18.06 -7.82 19.04
C GLN D 129 -18.04 -8.86 17.92
N ALA D 130 -17.15 -9.83 18.05
CA ALA D 130 -17.04 -10.88 17.03
C ALA D 130 -18.23 -11.82 17.09
N LEU D 131 -18.55 -12.30 18.29
CA LEU D 131 -19.66 -13.23 18.48
C LEU D 131 -20.96 -12.58 18.02
N TYR D 132 -21.10 -11.28 18.30
CA TYR D 132 -22.29 -10.55 17.92
C TYR D 132 -22.47 -10.56 16.40
N ARG D 133 -21.37 -10.43 15.67
CA ARG D 133 -21.44 -10.43 14.23
C ARG D 133 -21.47 -11.83 13.63
N ALA D 134 -21.41 -12.83 14.51
CA ALA D 134 -21.48 -14.22 14.09
C ALA D 134 -22.90 -14.73 14.36
N GLY D 135 -23.80 -13.81 14.71
CA GLY D 135 -25.18 -14.19 14.96
C GLY D 135 -25.58 -14.46 16.41
N LEU D 136 -24.60 -14.58 17.31
CA LEU D 136 -24.87 -14.85 18.72
C LEU D 136 -25.30 -13.60 19.50
N ASN D 137 -25.81 -13.82 20.71
CA ASN D 137 -26.27 -12.75 21.60
C ASN D 137 -27.12 -11.66 20.95
N GLY D 138 -28.04 -12.06 20.07
CA GLY D 138 -28.91 -11.10 19.44
C GLY D 138 -28.36 -10.40 18.21
N GLY D 139 -27.18 -10.80 17.77
CA GLY D 139 -26.60 -10.18 16.60
C GLY D 139 -26.99 -10.87 15.30
N HIS D 140 -26.61 -10.26 14.18
CA HIS D 140 -26.88 -10.81 12.85
C HIS D 140 -25.66 -11.55 12.32
N ASN D 141 -25.84 -12.76 11.81
CA ASN D 141 -24.72 -13.52 11.28
C ASN D 141 -24.27 -12.95 9.92
N HIS D 142 -23.07 -12.42 9.88
CA HIS D 142 -22.56 -11.85 8.64
C HIS D 142 -22.13 -12.90 7.63
N GLY D 143 -22.06 -14.15 8.07
CA GLY D 143 -21.66 -15.21 7.17
C GLY D 143 -22.71 -15.36 6.09
N ASN D 144 -23.96 -15.11 6.46
CA ASN D 144 -25.08 -15.21 5.53
C ASN D 144 -24.87 -14.21 4.41
N ASP D 145 -24.53 -12.98 4.77
CA ASP D 145 -24.32 -11.94 3.78
C ASP D 145 -23.17 -12.31 2.84
N TRP D 146 -22.10 -12.86 3.39
CA TRP D 146 -20.95 -13.23 2.58
C TRP D 146 -21.31 -14.35 1.61
N GLY D 147 -22.20 -15.24 2.05
CA GLY D 147 -22.63 -16.34 1.22
C GLY D 147 -23.36 -15.83 -0.01
N SER D 148 -24.30 -14.89 0.20
CA SER D 148 -25.04 -14.34 -0.91
C SER D 148 -24.15 -13.52 -1.82
N ALA D 149 -23.15 -12.85 -1.24
CA ALA D 149 -22.24 -12.03 -2.02
C ALA D 149 -21.39 -12.92 -2.93
N ALA D 150 -20.96 -14.06 -2.41
CA ALA D 150 -20.16 -14.99 -3.18
C ALA D 150 -20.97 -15.45 -4.39
N VAL D 151 -22.20 -15.90 -4.15
CA VAL D 151 -23.05 -16.38 -5.21
C VAL D 151 -23.26 -15.31 -6.27
N GLU D 152 -23.59 -14.11 -5.83
CA GLU D 152 -23.83 -13.02 -6.76
C GLU D 152 -22.61 -12.68 -7.60
N MET D 153 -21.45 -12.55 -6.97
CA MET D 153 -20.23 -12.21 -7.72
C MET D 153 -19.85 -13.36 -8.64
N GLY D 154 -20.16 -14.58 -8.23
CA GLY D 154 -19.83 -15.74 -9.04
C GLY D 154 -20.58 -15.71 -10.36
N LEU D 155 -21.87 -15.42 -10.28
CA LEU D 155 -22.71 -15.37 -11.46
C LEU D 155 -22.32 -14.21 -12.38
N LYS D 156 -22.13 -13.02 -11.82
CA LYS D 156 -21.76 -11.87 -12.65
C LYS D 156 -20.42 -12.07 -13.35
N ALA D 157 -19.63 -13.02 -12.87
CA ALA D 157 -18.33 -13.30 -13.47
C ALA D 157 -18.46 -14.22 -14.69
N LEU D 158 -19.67 -14.70 -14.93
CA LEU D 158 -19.96 -15.59 -16.06
C LEU D 158 -20.82 -14.89 -17.11
N LEU E 13 -18.06 21.13 -22.36
CA LEU E 13 -17.59 19.75 -22.66
C LEU E 13 -18.76 18.82 -23.01
N LYS E 14 -18.72 18.25 -24.21
CA LYS E 14 -19.77 17.35 -24.67
C LYS E 14 -19.15 16.03 -25.09
N GLY E 15 -19.80 14.92 -24.73
CA GLY E 15 -19.29 13.61 -25.10
C GLY E 15 -20.40 12.73 -25.65
N PRO E 16 -20.93 13.05 -26.84
CA PRO E 16 -22.01 12.29 -27.48
C PRO E 16 -21.62 10.85 -27.78
N GLU E 17 -20.34 10.64 -28.04
CA GLU E 17 -19.84 9.30 -28.37
C GLU E 17 -19.31 8.51 -27.19
N LEU E 18 -19.15 9.16 -26.04
CA LEU E 18 -18.62 8.49 -24.85
C LEU E 18 -19.47 7.36 -24.30
N ARG E 19 -18.81 6.26 -23.94
CA ARG E 19 -19.49 5.13 -23.34
C ARG E 19 -19.00 5.14 -21.90
N ILE E 20 -19.93 5.21 -20.96
CA ILE E 20 -19.57 5.27 -19.56
C ILE E 20 -20.17 4.18 -18.68
N LEU E 21 -19.36 3.66 -17.76
CA LEU E 21 -19.79 2.61 -16.86
C LEU E 21 -19.96 3.11 -15.43
N ILE E 22 -21.03 2.66 -14.78
CA ILE E 22 -21.32 3.03 -13.39
C ILE E 22 -21.59 1.79 -12.56
N VAL E 23 -20.66 1.46 -11.66
CA VAL E 23 -20.85 0.31 -10.77
C VAL E 23 -21.11 0.88 -9.37
N HIS E 24 -22.21 0.48 -8.74
CA HIS E 24 -22.54 0.97 -7.41
C HIS E 24 -22.88 -0.17 -6.46
N ALA E 25 -22.62 0.05 -5.19
CA ALA E 25 -22.90 -0.97 -4.20
C ALA E 25 -24.37 -0.84 -3.83
N ARG E 26 -24.87 -1.74 -3.01
CA ARG E 26 -26.27 -1.70 -2.63
C ARG E 26 -26.59 -1.30 -1.20
N TYR E 27 -25.60 -1.25 -0.32
CA TYR E 27 -25.90 -0.84 1.06
C TYR E 27 -26.13 0.66 1.05
N ASN E 28 -27.08 1.12 1.86
CA ASN E 28 -27.40 2.54 1.94
C ASN E 28 -27.98 3.02 0.63
N LEU E 29 -28.96 2.29 0.13
CA LEU E 29 -29.59 2.65 -1.14
C LEU E 29 -30.22 4.04 -1.08
N GLN E 30 -30.49 4.53 0.12
CA GLN E 30 -31.10 5.85 0.29
C GLN E 30 -30.18 6.96 -0.14
N ALA E 31 -28.88 6.76 0.08
CA ALA E 31 -27.88 7.76 -0.28
C ALA E 31 -27.36 7.47 -1.68
N ILE E 32 -27.31 6.18 -2.02
CA ILE E 32 -26.80 5.75 -3.31
C ILE E 32 -27.65 6.14 -4.53
N GLU E 33 -28.97 5.98 -4.44
CA GLU E 33 -29.81 6.33 -5.57
C GLU E 33 -29.63 7.79 -6.00
N PRO E 34 -29.75 8.73 -5.04
CA PRO E 34 -29.58 10.14 -5.41
C PRO E 34 -28.23 10.37 -6.11
N LEU E 35 -27.20 9.69 -5.61
CA LEU E 35 -25.85 9.80 -6.15
C LEU E 35 -25.80 9.38 -7.60
N VAL E 36 -26.33 8.19 -7.89
CA VAL E 36 -26.35 7.68 -9.26
C VAL E 36 -27.17 8.60 -10.16
N LYS E 37 -28.35 8.98 -9.69
CA LYS E 37 -29.25 9.86 -10.41
C LYS E 37 -28.51 11.11 -10.86
N GLY E 38 -27.89 11.81 -9.90
CA GLY E 38 -27.19 13.02 -10.21
C GLY E 38 -26.11 12.83 -11.25
N ALA E 39 -25.42 11.70 -11.16
CA ALA E 39 -24.36 11.40 -12.11
C ALA E 39 -24.93 11.27 -13.51
N VAL E 40 -25.94 10.42 -13.65
CA VAL E 40 -26.60 10.20 -14.95
C VAL E 40 -27.19 11.51 -15.47
N GLU E 41 -28.08 12.11 -14.66
CA GLU E 41 -28.72 13.37 -15.02
C GLU E 41 -27.70 14.36 -15.58
N THR E 42 -26.65 14.62 -14.82
CA THR E 42 -25.63 15.57 -15.23
C THR E 42 -24.97 15.24 -16.58
N MET E 43 -24.63 13.97 -16.80
CA MET E 43 -23.98 13.59 -18.05
C MET E 43 -24.91 13.79 -19.26
N ILE E 44 -26.14 13.32 -19.14
CA ILE E 44 -27.14 13.48 -20.20
C ILE E 44 -27.40 14.95 -20.50
N GLU E 45 -27.96 15.65 -19.52
CA GLU E 45 -28.34 17.05 -19.64
C GLU E 45 -27.27 18.12 -19.77
N LYS E 46 -26.03 17.85 -19.39
CA LYS E 46 -25.01 18.88 -19.48
C LYS E 46 -23.86 18.56 -20.41
N HIS E 47 -23.64 17.27 -20.67
CA HIS E 47 -22.53 16.87 -21.52
C HIS E 47 -22.95 16.07 -22.75
N ASP E 48 -24.26 16.01 -22.99
CA ASP E 48 -24.81 15.31 -24.14
C ASP E 48 -24.42 13.84 -24.23
N VAL E 49 -24.36 13.16 -23.09
CA VAL E 49 -24.04 11.75 -23.12
C VAL E 49 -25.35 11.05 -23.44
N LYS E 50 -25.29 10.02 -24.27
CA LYS E 50 -26.49 9.30 -24.64
C LYS E 50 -26.84 8.22 -23.63
N LEU E 51 -28.10 8.24 -23.19
CA LEU E 51 -28.60 7.28 -22.22
C LEU E 51 -28.23 5.84 -22.57
N GLU E 52 -28.29 5.47 -23.83
CA GLU E 52 -27.97 4.10 -24.22
C GLU E 52 -26.50 3.79 -24.02
N ASN E 53 -25.69 4.84 -23.96
CA ASN E 53 -24.25 4.70 -23.77
C ASN E 53 -23.79 4.71 -22.31
N ILE E 54 -24.70 4.39 -21.40
CA ILE E 54 -24.41 4.38 -19.98
C ILE E 54 -24.84 3.07 -19.36
N ASP E 55 -23.88 2.21 -19.00
CA ASP E 55 -24.21 0.92 -18.38
C ASP E 55 -24.20 1.11 -16.87
N ILE E 56 -25.13 0.46 -16.19
CA ILE E 56 -25.20 0.56 -14.75
C ILE E 56 -25.27 -0.81 -14.09
N GLU E 57 -24.14 -1.28 -13.57
CA GLU E 57 -24.07 -2.56 -12.90
C GLU E 57 -24.13 -2.28 -11.41
N SER E 58 -24.22 -3.34 -10.61
CA SER E 58 -24.26 -3.18 -9.17
C SER E 58 -23.62 -4.40 -8.52
N VAL E 59 -23.14 -4.22 -7.28
CA VAL E 59 -22.52 -5.28 -6.52
C VAL E 59 -23.10 -5.20 -5.11
N PRO E 60 -22.96 -6.26 -4.32
CA PRO E 60 -23.48 -6.28 -2.96
C PRO E 60 -23.02 -5.07 -2.13
N GLY E 61 -21.70 -4.93 -1.97
CA GLY E 61 -21.16 -3.84 -1.20
C GLY E 61 -19.89 -3.22 -1.77
N SER E 62 -19.38 -2.22 -1.08
CA SER E 62 -18.18 -1.49 -1.47
C SER E 62 -16.94 -2.35 -1.69
N TRP E 63 -16.82 -3.41 -0.93
CA TRP E 63 -15.66 -4.28 -1.09
C TRP E 63 -15.58 -4.82 -2.52
N GLU E 64 -16.72 -5.13 -3.12
CA GLU E 64 -16.76 -5.69 -4.47
C GLU E 64 -16.63 -4.66 -5.58
N LEU E 65 -16.56 -3.39 -5.22
CA LEU E 65 -16.44 -2.34 -6.20
C LEU E 65 -15.23 -2.51 -7.13
N PRO E 66 -14.01 -2.66 -6.58
CA PRO E 66 -12.85 -2.83 -7.48
C PRO E 66 -12.95 -4.02 -8.44
N GLN E 67 -13.36 -5.19 -7.94
CA GLN E 67 -13.47 -6.37 -8.80
C GLN E 67 -14.63 -6.26 -9.77
N GLY E 68 -15.76 -5.70 -9.31
CA GLY E 68 -16.89 -5.54 -10.20
C GLY E 68 -16.49 -4.71 -11.40
N ILE E 69 -15.74 -3.64 -11.16
CA ILE E 69 -15.29 -2.77 -12.23
C ILE E 69 -14.27 -3.50 -13.13
N ARG E 70 -13.29 -4.16 -12.52
CA ARG E 70 -12.28 -4.86 -13.28
C ARG E 70 -12.88 -5.90 -14.24
N ALA E 71 -13.90 -6.60 -13.77
CA ALA E 71 -14.57 -7.61 -14.59
C ALA E 71 -15.23 -6.95 -15.82
N SER E 72 -16.05 -5.93 -15.57
CA SER E 72 -16.73 -5.22 -16.65
C SER E 72 -15.76 -4.61 -17.66
N ILE E 73 -14.67 -4.03 -17.17
CA ILE E 73 -13.67 -3.41 -18.05
C ILE E 73 -13.11 -4.46 -19.02
N ALA E 74 -13.06 -5.71 -18.58
CA ALA E 74 -12.55 -6.80 -19.39
C ALA E 74 -13.54 -7.20 -20.47
N ARG E 75 -14.84 -7.14 -20.15
CA ARG E 75 -15.90 -7.48 -21.11
C ARG E 75 -15.97 -6.41 -22.20
N ASN E 76 -16.70 -5.33 -21.92
CA ASN E 76 -16.88 -4.26 -22.88
C ASN E 76 -15.83 -3.16 -22.79
N THR E 77 -15.98 -2.14 -23.62
CA THR E 77 -15.05 -1.02 -23.65
C THR E 77 -15.75 0.24 -23.20
N TYR E 78 -15.13 0.96 -22.27
CA TYR E 78 -15.69 2.21 -21.76
C TYR E 78 -14.63 3.28 -21.80
N ASP E 79 -15.06 4.53 -21.79
CA ASP E 79 -14.12 5.65 -21.81
C ASP E 79 -13.84 6.11 -20.39
N ALA E 80 -14.78 5.80 -19.50
CA ALA E 80 -14.64 6.18 -18.10
C ALA E 80 -15.61 5.35 -17.28
N VAL E 81 -15.30 5.22 -16.00
CA VAL E 81 -16.13 4.45 -15.09
C VAL E 81 -16.21 5.17 -13.76
N ILE E 82 -17.37 5.05 -13.11
CA ILE E 82 -17.59 5.67 -11.81
C ILE E 82 -17.91 4.60 -10.77
N GLY E 83 -17.12 4.56 -9.69
CA GLY E 83 -17.36 3.60 -8.63
C GLY E 83 -18.11 4.32 -7.55
N ILE E 84 -19.33 3.88 -7.24
CA ILE E 84 -20.12 4.53 -6.21
C ILE E 84 -20.48 3.63 -5.05
N GLY E 85 -20.29 4.13 -3.85
CA GLY E 85 -20.60 3.36 -2.65
C GLY E 85 -20.48 4.24 -1.43
N VAL E 86 -21.09 3.84 -0.33
CA VAL E 86 -20.95 4.63 0.89
C VAL E 86 -20.62 3.75 2.09
N LEU E 87 -19.56 4.12 2.77
CA LEU E 87 -19.10 3.41 3.96
C LEU E 87 -19.37 4.31 5.18
N ILE E 88 -19.95 3.73 6.22
CA ILE E 88 -20.24 4.46 7.44
C ILE E 88 -19.49 3.89 8.63
N LYS E 89 -18.84 4.76 9.40
CA LYS E 89 -18.09 4.31 10.58
C LYS E 89 -18.99 3.50 11.52
N GLY E 90 -18.53 2.32 11.92
CA GLY E 90 -19.29 1.48 12.82
C GLY E 90 -18.60 1.29 14.17
N SER E 91 -18.96 0.25 14.89
CA SER E 91 -18.36 0.00 16.20
C SER E 91 -16.97 -0.59 16.14
N THR E 92 -16.67 -1.31 15.06
CA THR E 92 -15.37 -1.95 14.94
C THR E 92 -14.41 -1.16 14.05
N MET E 93 -13.25 -1.75 13.76
CA MET E 93 -12.25 -1.09 12.92
C MET E 93 -12.51 -1.39 11.45
N HIS E 94 -13.56 -2.16 11.20
CA HIS E 94 -13.93 -2.53 9.84
C HIS E 94 -13.91 -1.35 8.88
N PHE E 95 -14.63 -0.31 9.24
CA PHE E 95 -14.73 0.90 8.42
C PHE E 95 -13.37 1.36 7.93
N GLU E 96 -12.44 1.55 8.85
CA GLU E 96 -11.09 2.01 8.52
C GLU E 96 -10.32 1.15 7.52
N TYR E 97 -10.25 -0.16 7.74
CA TYR E 97 -9.51 -1.03 6.85
C TYR E 97 -10.15 -1.23 5.47
N ILE E 98 -11.48 -1.35 5.42
CA ILE E 98 -12.16 -1.52 4.13
C ILE E 98 -12.02 -0.25 3.28
N SER E 99 -12.22 0.90 3.91
CA SER E 99 -12.13 2.18 3.21
C SER E 99 -10.80 2.30 2.53
N GLU E 100 -9.74 2.05 3.29
CA GLU E 100 -8.40 2.16 2.75
C GLU E 100 -8.15 1.18 1.59
N ALA E 101 -8.59 -0.06 1.76
CA ALA E 101 -8.39 -1.08 0.74
C ALA E 101 -9.18 -0.78 -0.54
N VAL E 102 -10.43 -0.38 -0.39
CA VAL E 102 -11.27 -0.09 -1.54
C VAL E 102 -10.76 1.12 -2.31
N VAL E 103 -10.38 2.18 -1.61
CA VAL E 103 -9.88 3.38 -2.29
C VAL E 103 -8.59 3.04 -3.03
N HIS E 104 -7.69 2.31 -2.38
CA HIS E 104 -6.43 1.93 -2.99
C HIS E 104 -6.70 1.04 -4.20
N GLY E 105 -7.71 0.19 -4.08
CA GLY E 105 -8.07 -0.73 -5.15
C GLY E 105 -8.65 -0.11 -6.41
N LEU E 106 -9.49 0.92 -6.24
CA LEU E 106 -10.09 1.61 -7.37
C LEU E 106 -8.97 2.34 -8.09
N MET E 107 -8.06 2.90 -7.32
CA MET E 107 -6.92 3.61 -7.88
C MET E 107 -6.10 2.63 -8.73
N ARG E 108 -5.91 1.41 -8.20
CA ARG E 108 -5.14 0.42 -8.93
C ARG E 108 -5.79 -0.03 -10.22
N VAL E 109 -7.07 -0.37 -10.16
CA VAL E 109 -7.78 -0.80 -11.35
C VAL E 109 -7.66 0.25 -12.45
N GLY E 110 -7.80 1.52 -12.09
CA GLY E 110 -7.69 2.58 -13.06
C GLY E 110 -6.32 2.63 -13.70
N LEU E 111 -5.26 2.64 -12.90
CA LEU E 111 -3.89 2.71 -13.41
C LEU E 111 -3.48 1.47 -14.18
N ASP E 112 -4.00 0.31 -13.78
CA ASP E 112 -3.66 -0.94 -14.45
C ASP E 112 -4.26 -1.01 -15.84
N SER E 113 -5.51 -0.60 -15.96
CA SER E 113 -6.25 -0.65 -17.21
C SER E 113 -6.06 0.50 -18.16
N GLY E 114 -5.71 1.66 -17.63
CA GLY E 114 -5.56 2.84 -18.47
C GLY E 114 -6.90 3.51 -18.63
N VAL E 115 -7.94 2.94 -18.03
CA VAL E 115 -9.30 3.50 -18.09
C VAL E 115 -9.53 4.38 -16.86
N PRO E 116 -9.99 5.63 -17.06
CA PRO E 116 -10.23 6.54 -15.93
C PRO E 116 -11.32 6.03 -14.98
N VAL E 117 -10.99 5.95 -13.71
CA VAL E 117 -11.95 5.51 -12.72
C VAL E 117 -12.21 6.67 -11.78
N ILE E 118 -13.44 7.17 -11.76
CA ILE E 118 -13.79 8.28 -10.87
C ILE E 118 -14.25 7.75 -9.52
N LEU E 119 -13.70 8.29 -8.44
CA LEU E 119 -14.03 7.85 -7.09
C LEU E 119 -15.35 8.45 -6.59
N GLY E 120 -16.36 7.60 -6.44
CA GLY E 120 -17.65 8.04 -5.95
C GLY E 120 -17.95 7.33 -4.65
N LEU E 121 -16.90 7.16 -3.85
CA LEU E 121 -16.99 6.49 -2.56
C LEU E 121 -17.11 7.50 -1.43
N LEU E 122 -18.15 7.39 -0.61
CA LEU E 122 -18.29 8.30 0.52
C LEU E 122 -17.87 7.52 1.76
N THR E 123 -16.96 8.12 2.54
CA THR E 123 -16.47 7.51 3.77
C THR E 123 -16.82 8.46 4.91
N VAL E 124 -18.02 8.28 5.44
CA VAL E 124 -18.56 9.16 6.46
C VAL E 124 -18.67 8.59 7.89
N LEU E 125 -18.95 9.48 8.85
CA LEU E 125 -19.11 9.10 10.25
C LEU E 125 -20.52 8.65 10.55
N ASN E 126 -21.50 9.19 9.82
CA ASN E 126 -22.89 8.81 10.02
C ASN E 126 -23.74 9.03 8.78
N GLU E 127 -24.93 8.43 8.79
CA GLU E 127 -25.87 8.51 7.68
C GLU E 127 -26.17 9.92 7.23
N GLU E 128 -26.28 10.84 8.17
CA GLU E 128 -26.58 12.21 7.83
C GLU E 128 -25.54 12.79 6.89
N GLN E 129 -24.27 12.60 7.20
CA GLN E 129 -23.20 13.13 6.34
C GLN E 129 -23.29 12.60 4.91
N ALA E 130 -23.74 11.36 4.77
CA ALA E 130 -23.87 10.75 3.45
C ALA E 130 -25.02 11.38 2.66
N LEU E 131 -26.19 11.48 3.30
CA LEU E 131 -27.36 12.06 2.67
C LEU E 131 -27.07 13.49 2.25
N TYR E 132 -26.35 14.21 3.11
CA TYR E 132 -26.01 15.60 2.83
C TYR E 132 -25.20 15.72 1.54
N ARG E 133 -24.30 14.78 1.32
CA ARG E 133 -23.46 14.79 0.13
C ARG E 133 -24.15 14.17 -1.07
N ALA E 134 -25.37 13.67 -0.85
CA ALA E 134 -26.17 13.10 -1.92
C ALA E 134 -27.21 14.14 -2.37
N GLY E 135 -27.07 15.38 -1.90
CA GLY E 135 -27.98 16.43 -2.29
C GLY E 135 -29.16 16.70 -1.36
N LEU E 136 -29.43 15.81 -0.41
CA LEU E 136 -30.54 15.99 0.53
C LEU E 136 -30.23 16.95 1.67
N ASN E 137 -31.28 17.34 2.39
CA ASN E 137 -31.18 18.26 3.53
C ASN E 137 -30.31 19.49 3.31
N GLY E 138 -30.43 20.09 2.13
CA GLY E 138 -29.67 21.29 1.84
C GLY E 138 -28.25 21.08 1.37
N GLY E 139 -27.85 19.83 1.15
CA GLY E 139 -26.51 19.55 0.70
C GLY E 139 -26.38 19.54 -0.82
N HIS E 140 -25.15 19.47 -1.30
CA HIS E 140 -24.87 19.43 -2.73
C HIS E 140 -24.66 17.98 -3.19
N ASN E 141 -25.31 17.59 -4.27
CA ASN E 141 -25.15 16.22 -4.77
C ASN E 141 -23.79 16.06 -5.45
N HIS E 142 -22.94 15.21 -4.88
CA HIS E 142 -21.61 14.98 -5.44
C HIS E 142 -21.64 14.09 -6.66
N GLY E 143 -22.78 13.46 -6.92
CA GLY E 143 -22.89 12.61 -8.10
C GLY E 143 -22.76 13.45 -9.34
N ASN E 144 -23.23 14.68 -9.27
CA ASN E 144 -23.15 15.59 -10.40
C ASN E 144 -21.69 15.83 -10.74
N ASP E 145 -20.89 16.10 -9.71
CA ASP E 145 -19.48 16.36 -9.92
C ASP E 145 -18.79 15.15 -10.54
N TRP E 146 -19.13 13.96 -10.06
CA TRP E 146 -18.52 12.74 -10.58
C TRP E 146 -18.90 12.52 -12.04
N GLY E 147 -20.12 12.91 -12.40
CA GLY E 147 -20.59 12.78 -13.77
C GLY E 147 -19.76 13.63 -14.70
N SER E 148 -19.53 14.88 -14.32
CA SER E 148 -18.73 15.78 -15.14
C SER E 148 -17.28 15.35 -15.20
N ALA E 149 -16.77 14.77 -14.11
CA ALA E 149 -15.39 14.32 -14.07
C ALA E 149 -15.22 13.13 -15.01
N ALA E 150 -16.21 12.25 -15.04
CA ALA E 150 -16.15 11.09 -15.91
C ALA E 150 -16.05 11.56 -17.36
N VAL E 151 -16.97 12.44 -17.75
CA VAL E 151 -16.99 12.96 -19.11
C VAL E 151 -15.66 13.60 -19.47
N GLU E 152 -15.16 14.46 -18.59
CA GLU E 152 -13.89 15.14 -18.86
C GLU E 152 -12.72 14.19 -19.01
N MET E 153 -12.60 13.22 -18.12
CA MET E 153 -11.49 12.29 -18.19
C MET E 153 -11.64 11.39 -19.42
N GLY E 154 -12.87 11.10 -19.79
CA GLY E 154 -13.11 10.25 -20.95
C GLY E 154 -12.60 10.91 -22.21
N LEU E 155 -12.90 12.21 -22.38
CA LEU E 155 -12.46 12.95 -23.55
C LEU E 155 -10.94 13.11 -23.60
N LYS E 156 -10.34 13.49 -22.48
CA LYS E 156 -8.89 13.67 -22.45
C LYS E 156 -8.15 12.35 -22.73
N ALA E 157 -8.84 11.23 -22.60
CA ALA E 157 -8.23 9.93 -22.85
C ALA E 157 -8.24 9.59 -24.35
N LEU E 158 -8.87 10.45 -25.14
CA LEU E 158 -8.96 10.26 -26.59
C LEU E 158 -8.13 11.31 -27.33
P PO4 F . -15.57 16.29 3.18
O1 PO4 F . -14.62 16.79 2.18
O2 PO4 F . -16.67 15.57 2.50
O3 PO4 F . -14.88 15.36 4.11
O4 PO4 F . -16.14 17.43 3.96
N1 RBF G . -10.50 17.39 -4.63
C2 RBF G . -9.41 18.21 -4.32
O2 RBF G . -8.58 18.38 -5.17
N3 RBF G . -9.41 18.73 -3.05
C4 RBF G . -10.35 18.55 -2.01
O4 RBF G . -10.21 19.08 -0.94
C4A RBF G . -11.52 17.65 -2.41
N5 RBF G . -12.48 17.40 -1.53
C5A RBF G . -13.56 16.54 -1.90
C6 RBF G . -14.57 16.30 -0.88
C7 RBF G . -15.62 15.46 -1.28
C7M RBF G . -16.77 15.10 -0.34
C8 RBF G . -15.65 14.87 -2.63
C8M RBF G . -16.82 13.92 -3.03
C9 RBF G . -14.70 15.08 -3.61
C9A RBF G . -13.62 15.96 -3.21
N10 RBF G . -12.54 16.27 -4.14
C10 RBF G . -11.52 17.09 -3.75
C1' RBF G . -12.71 15.64 -5.47
C2' RBF G . -11.82 14.39 -5.57
O2' RBF G . -10.43 14.80 -5.72
C3' RBF G . -12.02 13.63 -6.82
O3' RBF G . -11.81 14.48 -7.95
C4' RBF G . -13.39 13.01 -6.94
O4' RBF G . -13.84 12.12 -5.92
C5' RBF G . -13.35 12.31 -8.35
O5' RBF G . -13.85 13.27 -9.32
P PO4 H . 4.61 21.20 6.62
O1 PO4 H . 5.92 20.56 6.32
O2 PO4 H . 4.09 21.86 5.40
O3 PO4 H . 3.66 20.17 7.08
O4 PO4 H . 4.79 22.22 7.68
N1 RBF I . 11.83 17.03 2.05
C2 RBF I . 12.64 16.43 3.02
O2 RBF I . 13.55 15.74 2.63
N3 RBF I . 12.31 16.70 4.31
C4 RBF I . 11.26 17.49 4.82
O4 RBF I . 11.09 17.63 6.01
C4A RBF I . 10.40 18.12 3.72
N5 RBF I . 9.38 18.89 4.07
C5A RBF I . 8.58 19.47 3.05
C6 RBF I . 7.46 20.31 3.49
C7 RBF I . 6.69 20.86 2.45
C7M RBF I . 5.47 21.75 2.73
C8 RBF I . 7.01 20.59 1.04
C8M RBF I . 6.12 21.20 -0.09
C9 RBF I . 8.06 19.81 0.59
C9A RBF I . 8.87 19.24 1.66
N10 RBF I . 10.01 18.39 1.34
C10 RBF I . 10.75 17.84 2.35
C1' RBF I . 10.22 18.22 -0.13
C2' RBF I . 9.65 16.86 -0.58
O2' RBF I . 10.52 15.79 -0.12
C3' RBF I . 9.72 16.66 -2.03
O3' RBF I . 11.06 16.82 -2.50
C4' RBF I . 8.86 17.61 -2.82
O4' RBF I . 7.44 17.66 -2.54
C5' RBF I . 9.14 17.20 -4.32
O5' RBF I . 10.21 18.06 -4.77
P PO4 J . 13.64 5.52 17.34
O1 PO4 J . 13.79 4.06 17.12
O2 PO4 J . 14.62 6.24 16.51
O3 PO4 J . 12.27 5.93 16.94
O4 PO4 J . 13.86 5.83 18.78
N1 RBF K . 15.55 -2.85 13.55
C2 RBF K . 14.85 -3.80 14.27
O2 RBF K . 14.89 -4.94 13.86
N3 RBF K . 14.19 -3.35 15.38
C4 RBF K . 14.11 -2.04 15.90
O4 RBF K . 13.47 -1.79 16.90
C4A RBF K . 14.91 -1.03 15.07
N5 RBF K . 14.92 0.24 15.45
C5A RBF K . 15.64 1.18 14.68
C6 RBF K . 15.62 2.57 15.14
C7 RBF K . 16.35 3.48 14.35
C7M RBF K . 16.44 4.97 14.69
C8 RBF K . 17.06 3.02 13.14
C8M RBF K . 17.84 4.06 12.27
C9 RBF K . 17.11 1.73 12.68
C9A RBF K . 16.37 0.79 13.50
N10 RBF K . 16.32 -0.64 13.13
C10 RBF K . 15.60 -1.50 13.90
C1' RBF K . 17.10 -0.94 11.91
C2' RBF K . 16.15 -1.05 10.69
O2' RBF K . 15.41 -2.31 10.79
C3' RBF K . 16.86 -1.25 9.42
O3' RBF K . 17.71 -2.40 9.50
C4' RBF K . 17.70 -0.08 9.01
O4' RBF K . 17.07 1.20 8.87
C5' RBF K . 18.38 -0.56 7.66
O5' RBF K . 19.65 -1.15 8.01
P PO4 L . -1.08 -9.17 20.84
O1 PO4 L . -1.98 -9.96 19.98
O2 PO4 L . 0.28 -9.73 20.80
O3 PO4 L . -1.03 -7.75 20.34
O4 PO4 L . -1.58 -9.19 22.24
N1 RBF M . -4.48 -14.76 14.10
C2 RBF M . -5.85 -14.53 14.00
O2 RBF M . -6.43 -15.07 13.10
N3 RBF M . -6.37 -13.69 14.95
C4 RBF M . -5.73 -13.02 16.00
O4 RBF M . -6.33 -12.30 16.76
C4A RBF M . -4.23 -13.30 16.06
N5 RBF M . -3.51 -12.72 17.01
C5A RBF M . -2.11 -12.99 17.06
C6 RBF M . -1.36 -12.33 18.12
C7 RBF M . 0.02 -12.60 18.15
C7M RBF M . 0.97 -11.99 19.19
C8 RBF M . 0.62 -13.50 17.13
C8M RBF M . 2.17 -13.76 17.17
C9 RBF M . -0.05 -14.13 16.12
C9A RBF M . -1.48 -13.86 16.11
N10 RBF M . -2.33 -14.47 15.08
C10 RBF M . -3.67 -14.19 15.07
C1' RBF M . -1.59 -15.35 14.16
C2' RBF M . -1.30 -14.61 12.84
O2' RBF M . -2.55 -14.50 12.07
C3' RBF M . -0.47 -15.39 11.90
O3' RBF M . -1.06 -16.67 11.63
C4' RBF M . 0.93 -15.63 12.41
O4' RBF M . 1.74 -14.51 12.75
C5' RBF M . 1.58 -16.50 11.25
O5' RBF M . 1.39 -17.89 11.61
P PO4 N . -19.09 -2.43 12.11
O1 PO4 N . -19.52 -2.02 10.74
O2 PO4 N . -19.02 -3.91 12.18
O3 PO4 N . -17.75 -1.85 12.40
O4 PO4 N . -20.06 -1.94 13.10
N1 RBF O . -20.54 -2.26 2.71
C2 RBF O . -20.80 -0.94 2.36
O2 RBF O . -20.88 -0.69 1.17
N3 RBF O . -20.93 -0.06 3.39
C4 RBF O . -20.83 -0.31 4.77
O4 RBF O . -20.97 0.59 5.59
C4A RBF O . -20.54 -1.76 5.11
N5 RBF O . -20.42 -2.13 6.39
C5A RBF O . -20.15 -3.49 6.69
C6 RBF O . -20.02 -3.82 8.11
C7 RBF O . -19.74 -5.17 8.39
C7M RBF O . -19.56 -5.69 9.82
C8 RBF O . -19.59 -6.14 7.28
C8M RBF O . -19.27 -7.64 7.62
C9 RBF O . -19.71 -5.86 5.95
C9A RBF O . -20.00 -4.47 5.67
N10 RBF O . -20.15 -4.01 4.27
C10 RBF O . -20.41 -2.70 4.01
C1' RBF O . -19.99 -5.10 3.29
C2' RBF O . -18.57 -5.05 2.67
O2' RBF O . -18.49 -3.92 1.76
C3' RBF O . -18.29 -6.18 1.76
O3' RBF O . -19.29 -6.24 0.72
C4' RBF O . -18.27 -7.52 2.45
O4' RBF O . -17.37 -7.72 3.54
C5' RBF O . -18.00 -8.53 1.26
O5' RBF O . -19.28 -8.98 0.77
#